data_5M89
#
_entry.id   5M89
#
_cell.length_a   44.229
_cell.length_b   103.715
_cell.length_c   74.389
_cell.angle_alpha   90.000
_cell.angle_beta   101.770
_cell.angle_gamma   90.000
#
_symmetry.space_group_name_H-M   'P 1 21 1'
#
loop_
_entity.id
_entity.type
_entity.pdbx_description
1 polymer 'Spliceosome WD40 Sc'
2 water water
#
_entity_poly.entity_id   1
_entity_poly.type   'polypeptide(L)'
_entity_poly.pdbx_seq_one_letter_code
;VDSESLSEGLVEHVNEVQQQLMKTRKKRPIPQGWATADDVAALQQVAYTDLNVTQASSLDLENECAAVGGLDGKLDIYSV
VANKVERTLDIGEPVTATEWTGTKVVIGTAKGWVKVYDAGRESATFQTHAGPVTGLAVHPGGRILASVGVDKSFVFYDLE
TGERVARGYADAALTTCAFHPDGNLFAAGTQTGHILVFHTTTLEQAESFPLGTPIQALAFSENGFWFAATGKGTSSVTIF
DLRKSGAAAAVKELQTGEVLSISWDYTGQYLATGGGTGVTVQMYTKATKSWSEPVRLGMPVVGVKWGGEAKRLVVVSREG
VVSVLGKKE
;
_entity_poly.pdbx_strand_id   A,B
#
# COMPACT_ATOMS: atom_id res chain seq x y z
N GLU A 4 -13.31 29.10 0.64
CA GLU A 4 -13.32 30.45 0.09
C GLU A 4 -13.12 30.41 -1.42
N SER A 5 -13.33 31.54 -2.09
CA SER A 5 -13.36 31.59 -3.54
C SER A 5 -12.41 32.65 -4.07
N LEU A 6 -11.98 32.46 -5.32
CA LEU A 6 -11.02 33.35 -5.97
C LEU A 6 -11.74 34.50 -6.67
N SER A 7 -11.16 35.70 -6.56
CA SER A 7 -11.70 36.88 -7.20
C SER A 7 -11.66 36.76 -8.72
N GLU A 8 -12.52 37.54 -9.38
CA GLU A 8 -12.57 37.52 -10.84
C GLU A 8 -11.19 37.87 -11.43
N GLY A 9 -10.49 38.83 -10.82
CA GLY A 9 -9.17 39.20 -11.31
C GLY A 9 -8.16 38.08 -11.16
N LEU A 10 -8.22 37.33 -10.06
CA LEU A 10 -7.31 36.21 -9.92
C LEU A 10 -7.68 35.07 -10.87
N VAL A 11 -8.97 34.88 -11.13
CA VAL A 11 -9.36 33.87 -12.11
C VAL A 11 -8.81 34.22 -13.48
N GLU A 12 -8.97 35.49 -13.87
CA GLU A 12 -8.45 35.96 -15.16
C GLU A 12 -6.94 35.78 -15.24
N HIS A 13 -6.24 36.04 -14.13
CA HIS A 13 -4.79 35.83 -14.09
C HIS A 13 -4.45 34.37 -14.36
N VAL A 14 -5.13 33.45 -13.67
CA VAL A 14 -4.86 32.03 -13.86
C VAL A 14 -5.10 31.64 -15.31
N ASN A 15 -6.20 32.11 -15.89
CA ASN A 15 -6.51 31.71 -17.24
C ASN A 15 -5.56 32.34 -18.26
N GLU A 16 -5.07 33.55 -17.99
CA GLU A 16 -4.12 34.17 -18.93
C GLU A 16 -2.76 33.48 -18.83
N VAL A 17 -2.32 33.17 -17.62
CA VAL A 17 -1.08 32.44 -17.42
C VAL A 17 -1.14 31.08 -18.07
N GLN A 18 -2.29 30.40 -17.95
CA GLN A 18 -2.50 29.12 -18.59
C GLN A 18 -2.29 29.22 -20.09
N GLN A 19 -2.92 30.22 -20.72
CA GLN A 19 -2.76 30.41 -22.17
C GLN A 19 -1.32 30.67 -22.55
N GLN A 20 -0.64 31.55 -21.79
CA GLN A 20 0.73 31.95 -22.17
C GLN A 20 1.72 30.82 -21.95
N LEU A 21 1.59 30.07 -20.85
CA LEU A 21 2.54 28.99 -20.61
C LEU A 21 2.34 27.85 -21.60
N MET A 22 1.09 27.60 -22.01
CA MET A 22 0.84 26.60 -23.04
C MET A 22 1.56 26.98 -24.33
N LYS A 23 1.48 28.26 -24.72
CA LYS A 23 2.15 28.71 -25.94
C LYS A 23 3.66 28.58 -25.83
N THR A 24 4.23 28.96 -24.68
CA THR A 24 5.67 29.04 -24.53
C THR A 24 6.33 27.67 -24.67
N ARG A 25 5.82 26.68 -23.93
CA ARG A 25 6.45 25.37 -23.96
C ARG A 25 6.30 24.70 -25.32
N LYS A 26 5.21 25.00 -26.04
CA LYS A 26 5.01 24.39 -27.35
C LYS A 26 5.86 25.04 -28.43
N LYS A 27 6.23 26.31 -28.25
CA LYS A 27 7.12 26.96 -29.21
C LYS A 27 8.52 26.35 -29.13
N ARG A 28 9.03 26.11 -27.93
CA ARG A 28 10.37 25.56 -27.75
C ARG A 28 10.35 24.61 -26.57
N PRO A 29 10.03 23.34 -26.79
CA PRO A 29 10.04 22.37 -25.67
C PRO A 29 11.43 22.13 -25.11
N ILE A 30 12.46 22.20 -25.93
CA ILE A 30 13.84 21.96 -25.52
C ILE A 30 14.64 23.22 -25.78
N PRO A 31 14.92 24.01 -24.75
CA PRO A 31 15.72 25.21 -24.94
C PRO A 31 17.08 24.90 -25.55
N GLN A 32 17.63 25.86 -26.29
CA GLN A 32 18.94 25.68 -26.91
C GLN A 32 20.01 25.53 -25.84
N GLY A 33 20.91 24.56 -26.02
CA GLY A 33 21.98 24.32 -25.07
C GLY A 33 21.67 23.35 -23.95
N TRP A 34 20.52 22.70 -23.99
CA TRP A 34 20.12 21.85 -22.87
C TRP A 34 21.03 20.64 -22.74
N ALA A 35 21.08 20.09 -21.52
CA ALA A 35 21.83 18.88 -21.26
C ALA A 35 21.36 17.76 -22.18
N THR A 36 22.32 17.04 -22.76
CA THR A 36 22.05 15.86 -23.56
C THR A 36 21.95 14.63 -22.67
N ALA A 37 21.54 13.52 -23.28
CA ALA A 37 21.51 12.25 -22.56
C ALA A 37 22.89 11.88 -22.03
N ASP A 38 23.93 12.06 -22.86
CA ASP A 38 25.29 11.75 -22.41
C ASP A 38 25.75 12.69 -21.31
N ASP A 39 25.33 13.96 -21.36
CA ASP A 39 25.64 14.88 -20.25
C ASP A 39 25.08 14.34 -18.94
N VAL A 40 23.80 13.95 -18.94
CA VAL A 40 23.14 13.45 -17.74
C VAL A 40 23.80 12.18 -17.25
N ALA A 41 24.06 11.23 -18.17
CA ALA A 41 24.69 9.98 -17.78
C ALA A 41 26.07 10.19 -17.15
N ALA A 42 26.75 11.30 -17.49
CA ALA A 42 28.08 11.54 -16.97
C ALA A 42 28.07 12.29 -15.65
N LEU A 43 26.89 12.60 -15.11
CA LEU A 43 26.80 13.38 -13.88
C LEU A 43 27.52 12.69 -12.74
N GLN A 44 28.34 13.45 -12.02
CA GLN A 44 29.05 12.96 -10.85
C GLN A 44 29.29 14.13 -9.91
N GLN A 45 29.68 13.83 -8.68
CA GLN A 45 29.84 14.91 -7.71
C GLN A 45 31.02 15.80 -8.08
N VAL A 46 30.75 17.10 -8.19
CA VAL A 46 31.79 18.10 -8.45
C VAL A 46 32.01 19.03 -7.27
N ALA A 47 31.11 19.05 -6.29
CA ALA A 47 31.30 19.89 -5.13
C ALA A 47 30.35 19.42 -4.03
N TYR A 48 30.72 19.73 -2.80
CA TYR A 48 29.84 19.45 -1.67
C TYR A 48 30.32 20.29 -0.50
N THR A 49 29.37 20.66 0.37
CA THR A 49 29.75 21.34 1.59
C THR A 49 28.72 21.03 2.67
N ASP A 50 29.15 21.21 3.92
CA ASP A 50 28.28 21.01 5.07
C ASP A 50 27.51 22.30 5.32
N LEU A 51 26.19 22.23 5.23
CA LEU A 51 25.36 23.36 5.57
C LEU A 51 25.36 23.59 7.08
N ASN A 52 24.74 24.70 7.50
CA ASN A 52 24.54 24.94 8.92
C ASN A 52 23.38 24.11 9.45
N VAL A 53 22.33 23.93 8.63
N VAL A 53 22.34 23.91 8.62
CA VAL A 53 21.15 23.18 9.06
CA VAL A 53 21.15 23.16 9.00
C VAL A 53 21.51 21.72 9.26
C VAL A 53 21.49 21.69 9.21
N THR A 54 20.76 21.05 10.13
CA THR A 54 20.76 19.60 10.22
C THR A 54 19.30 19.15 10.31
N GLN A 55 19.06 17.84 10.18
CA GLN A 55 17.70 17.30 10.02
C GLN A 55 17.00 17.92 8.81
N ALA A 56 17.72 17.98 7.70
CA ALA A 56 17.17 18.61 6.50
C ALA A 56 15.92 17.88 6.05
N SER A 57 14.90 18.66 5.68
CA SER A 57 13.59 18.14 5.30
C SER A 57 13.21 18.47 3.87
N SER A 58 13.79 19.50 3.28
CA SER A 58 13.20 20.04 2.07
C SER A 58 14.26 20.88 1.37
N LEU A 59 14.15 20.96 0.06
CA LEU A 59 15.10 21.67 -0.79
C LEU A 59 14.34 22.34 -1.94
N ASP A 60 14.68 23.60 -2.24
CA ASP A 60 14.29 24.19 -3.51
C ASP A 60 15.48 24.96 -4.08
N LEU A 61 15.46 25.14 -5.39
CA LEU A 61 16.58 25.73 -6.11
C LEU A 61 16.05 26.74 -7.12
N GLU A 62 16.65 27.92 -7.15
CA GLU A 62 16.27 28.94 -8.13
C GLU A 62 17.52 29.73 -8.50
N ASN A 63 17.83 29.77 -9.81
CA ASN A 63 19.00 30.49 -10.30
C ASN A 63 20.25 30.14 -9.48
N GLU A 64 20.48 28.84 -9.34
CA GLU A 64 21.65 28.28 -8.64
C GLU A 64 21.73 28.75 -7.19
N CYS A 65 20.58 29.06 -6.59
CA CYS A 65 20.48 29.38 -5.17
C CYS A 65 19.58 28.34 -4.52
N ALA A 66 20.13 27.62 -3.55
CA ALA A 66 19.40 26.56 -2.87
C ALA A 66 18.90 27.05 -1.52
N ALA A 67 17.67 26.68 -1.20
CA ALA A 67 17.10 26.89 0.12
C ALA A 67 16.82 25.52 0.73
N VAL A 68 17.30 25.31 1.95
CA VAL A 68 17.19 24.01 2.62
C VAL A 68 16.62 24.26 4.01
N GLY A 69 15.45 23.69 4.28
CA GLY A 69 14.82 23.78 5.58
C GLY A 69 15.08 22.53 6.40
N GLY A 70 15.11 22.68 7.71
CA GLY A 70 15.37 21.56 8.59
C GLY A 70 14.36 21.46 9.72
N LEU A 71 14.19 20.22 10.20
CA LEU A 71 13.37 20.01 11.39
C LEU A 71 13.99 20.58 12.66
N ASP A 72 15.26 21.01 12.58
CA ASP A 72 15.91 21.74 13.66
C ASP A 72 15.43 23.18 13.75
N GLY A 73 14.53 23.61 12.88
CA GLY A 73 14.04 24.97 12.93
C GLY A 73 14.92 25.98 12.25
N LYS A 74 15.84 25.54 11.39
CA LYS A 74 16.73 26.42 10.65
C LYS A 74 16.44 26.33 9.16
N LEU A 75 16.79 27.41 8.46
CA LEU A 75 16.67 27.47 7.00
C LEU A 75 17.96 28.06 6.47
N ASP A 76 18.63 27.32 5.60
CA ASP A 76 19.89 27.80 5.02
C ASP A 76 19.70 28.18 3.57
N ILE A 77 20.41 29.24 3.17
CA ILE A 77 20.51 29.65 1.77
C ILE A 77 21.93 29.37 1.31
N TYR A 78 22.07 28.66 0.19
CA TYR A 78 23.37 28.20 -0.28
C TYR A 78 23.54 28.59 -1.74
N SER A 79 24.70 29.17 -2.06
CA SER A 79 25.02 29.53 -3.44
C SER A 79 25.80 28.40 -4.08
N VAL A 80 25.23 27.84 -5.15
CA VAL A 80 25.90 26.77 -5.90
C VAL A 80 27.19 27.29 -6.54
N VAL A 81 27.14 28.46 -7.16
CA VAL A 81 28.31 28.90 -7.92
C VAL A 81 29.40 29.46 -7.00
N ALA A 82 29.04 30.08 -5.89
CA ALA A 82 30.04 30.52 -4.93
C ALA A 82 30.41 29.45 -3.93
N ASN A 83 29.68 28.33 -3.92
CA ASN A 83 29.90 27.21 -2.98
C ASN A 83 29.94 27.71 -1.55
N LYS A 84 28.99 28.58 -1.20
CA LYS A 84 28.99 29.25 0.08
C LYS A 84 27.61 29.14 0.71
N VAL A 85 27.57 28.90 2.02
CA VAL A 85 26.35 29.14 2.78
C VAL A 85 26.22 30.64 2.93
N GLU A 86 25.16 31.21 2.35
CA GLU A 86 24.99 32.65 2.31
C GLU A 86 24.28 33.19 3.53
N ARG A 87 23.40 32.39 4.14
CA ARG A 87 22.57 32.92 5.21
C ARG A 87 21.91 31.75 5.92
N THR A 88 21.77 31.87 7.23
CA THR A 88 20.91 30.98 8.01
C THR A 88 19.83 31.81 8.67
N LEU A 89 18.59 31.37 8.52
CA LEU A 89 17.45 31.99 9.18
C LEU A 89 17.03 31.08 10.33
N ASP A 90 16.80 31.68 11.49
CA ASP A 90 16.37 30.94 12.67
C ASP A 90 14.85 31.00 12.73
N ILE A 91 14.20 29.95 12.26
CA ILE A 91 12.75 29.92 12.18
C ILE A 91 12.13 29.70 13.55
N GLY A 92 12.75 28.85 14.37
CA GLY A 92 12.21 28.59 15.69
C GLY A 92 11.05 27.60 15.72
N GLU A 93 10.73 26.99 14.59
CA GLU A 93 9.75 25.92 14.44
C GLU A 93 10.28 24.97 13.39
N PRO A 94 10.03 23.67 13.53
CA PRO A 94 10.52 22.71 12.52
C PRO A 94 9.99 23.08 11.14
N VAL A 95 10.89 23.10 10.16
CA VAL A 95 10.53 23.47 8.80
C VAL A 95 10.20 22.19 8.04
N THR A 96 8.97 22.11 7.54
CA THR A 96 8.49 20.91 6.85
C THR A 96 8.41 21.07 5.33
N ALA A 97 8.51 22.29 4.82
CA ALA A 97 8.45 22.53 3.38
C ALA A 97 9.16 23.84 3.09
N THR A 98 9.77 23.92 1.90
CA THR A 98 10.55 25.07 1.48
CA THR A 98 10.51 25.10 1.48
C THR A 98 10.36 25.30 -0.02
N GLU A 99 10.05 26.54 -0.42
CA GLU A 99 9.94 26.86 -1.84
C GLU A 99 10.41 28.28 -2.09
N TRP A 100 11.04 28.50 -3.23
CA TRP A 100 11.32 29.86 -3.66
C TRP A 100 10.10 30.49 -4.33
N THR A 101 9.90 31.78 -4.05
CA THR A 101 8.94 32.63 -4.75
CA THR A 101 8.94 32.62 -4.75
C THR A 101 9.71 33.85 -5.20
N GLY A 102 10.22 33.82 -6.45
CA GLY A 102 11.06 34.93 -6.90
C GLY A 102 12.29 35.02 -6.02
N THR A 103 12.56 36.20 -5.50
CA THR A 103 13.72 36.40 -4.63
C THR A 103 13.45 36.02 -3.18
N LYS A 104 12.22 35.67 -2.86
CA LYS A 104 11.84 35.34 -1.50
C LYS A 104 11.73 33.84 -1.29
N VAL A 105 11.86 33.43 -0.03
N VAL A 105 11.87 33.42 -0.03
CA VAL A 105 11.74 32.02 0.36
CA VAL A 105 11.75 32.01 0.35
C VAL A 105 10.49 31.85 1.20
C VAL A 105 10.49 31.86 1.19
N VAL A 106 9.74 30.79 0.92
CA VAL A 106 8.54 30.44 1.68
C VAL A 106 8.79 29.12 2.39
N ILE A 107 8.38 29.05 3.65
CA ILE A 107 8.47 27.80 4.39
C ILE A 107 7.11 27.48 4.98
N GLY A 108 6.90 26.19 5.21
CA GLY A 108 5.84 25.72 6.08
C GLY A 108 6.42 25.08 7.31
N THR A 109 5.68 25.06 8.41
CA THR A 109 6.22 24.55 9.67
C THR A 109 5.31 23.48 10.26
N ALA A 110 5.89 22.73 11.19
CA ALA A 110 5.15 21.70 11.91
C ALA A 110 4.03 22.28 12.77
N LYS A 111 4.04 23.59 13.01
CA LYS A 111 3.03 24.23 13.84
C LYS A 111 1.95 24.92 13.02
N GLY A 112 1.89 24.65 11.72
CA GLY A 112 0.78 25.13 10.91
C GLY A 112 0.97 26.50 10.31
N TRP A 113 2.18 27.03 10.33
CA TRP A 113 2.48 28.35 9.79
C TRP A 113 3.07 28.24 8.39
N VAL A 114 2.70 29.20 7.55
CA VAL A 114 3.38 29.46 6.28
C VAL A 114 4.04 30.83 6.42
N LYS A 115 5.35 30.91 6.17
CA LYS A 115 6.08 32.15 6.38
C LYS A 115 6.94 32.47 5.16
N VAL A 116 6.93 33.74 4.76
CA VAL A 116 7.71 34.23 3.61
C VAL A 116 8.83 35.13 4.14
N TYR A 117 10.04 34.95 3.62
CA TYR A 117 11.20 35.72 4.06
C TYR A 117 11.84 36.45 2.91
N ASP A 118 12.27 37.68 3.18
CA ASP A 118 12.95 38.53 2.21
C ASP A 118 14.32 38.86 2.79
N ALA A 119 15.34 38.14 2.32
CA ALA A 119 16.74 38.31 2.75
C ALA A 119 16.87 38.35 4.28
N GLY A 120 16.38 37.30 4.94
CA GLY A 120 16.54 37.14 6.37
C GLY A 120 15.44 37.76 7.22
N ARG A 121 14.50 38.47 6.62
CA ARG A 121 13.44 39.16 7.34
C ARG A 121 12.09 38.57 6.96
N GLU A 122 11.23 38.30 7.94
CA GLU A 122 9.84 37.99 7.65
C GLU A 122 9.22 39.07 6.80
N SER A 123 8.53 38.67 5.73
CA SER A 123 7.74 39.61 4.95
C SER A 123 6.25 39.30 4.94
N ALA A 124 5.84 38.07 5.24
CA ALA A 124 4.42 37.74 5.37
C ALA A 124 4.32 36.46 6.19
N THR A 125 3.30 36.36 7.06
CA THR A 125 3.09 35.11 7.76
C THR A 125 1.61 34.79 7.78
N PHE A 126 1.30 33.50 7.82
CA PHE A 126 -0.07 33.01 7.84
C PHE A 126 -0.13 31.79 8.75
N GLN A 127 -1.02 31.83 9.74
CA GLN A 127 -1.26 30.65 10.57
C GLN A 127 -2.55 30.02 10.06
N THR A 128 -2.41 29.13 9.07
CA THR A 128 -3.53 28.65 8.29
C THR A 128 -3.84 27.18 8.43
N HIS A 129 -2.99 26.39 9.07
CA HIS A 129 -3.24 24.97 9.22
C HIS A 129 -3.24 24.57 10.69
N ALA A 130 -4.00 23.52 10.99
CA ALA A 130 -4.01 22.91 12.30
C ALA A 130 -3.03 21.75 12.27
N GLY A 131 -1.93 21.86 13.01
CA GLY A 131 -0.87 20.91 12.86
C GLY A 131 -0.05 21.17 11.61
N PRO A 132 0.78 20.21 11.21
CA PRO A 132 1.85 20.50 10.24
C PRO A 132 1.35 20.92 8.87
N VAL A 133 2.03 21.90 8.31
CA VAL A 133 2.04 22.13 6.86
C VAL A 133 2.88 21.00 6.25
N THR A 134 2.30 20.27 5.31
CA THR A 134 3.05 19.15 4.77
C THR A 134 3.61 19.42 3.37
N GLY A 135 3.14 20.46 2.69
CA GLY A 135 3.65 20.75 1.37
C GLY A 135 3.30 22.15 0.96
N LEU A 136 4.09 22.69 0.02
CA LEU A 136 3.89 23.99 -0.57
C LEU A 136 4.03 23.86 -2.08
N ALA A 137 3.32 24.71 -2.82
CA ALA A 137 3.49 24.78 -4.26
C ALA A 137 3.34 26.22 -4.73
N VAL A 138 4.24 26.65 -5.61
CA VAL A 138 4.20 27.99 -6.16
C VAL A 138 3.61 27.92 -7.56
N HIS A 139 2.53 28.66 -7.77
CA HIS A 139 1.87 28.65 -9.06
C HIS A 139 2.79 29.29 -10.10
N PRO A 140 2.82 28.76 -11.34
CA PRO A 140 3.81 29.23 -12.32
C PRO A 140 3.60 30.65 -12.81
N GLY A 141 2.46 31.27 -12.50
CA GLY A 141 2.24 32.68 -12.75
C GLY A 141 2.98 33.61 -11.81
N GLY A 142 3.53 33.09 -10.71
CA GLY A 142 4.31 33.86 -9.78
C GLY A 142 3.51 34.61 -8.74
N ARG A 143 2.21 34.43 -8.70
CA ARG A 143 1.34 35.17 -7.80
C ARG A 143 0.68 34.28 -6.74
N ILE A 144 0.21 33.13 -7.11
CA ILE A 144 -0.49 32.25 -6.19
C ILE A 144 0.48 31.28 -5.52
N LEU A 145 0.29 31.13 -4.21
CA LEU A 145 0.96 30.13 -3.41
C LEU A 145 -0.09 29.17 -2.86
N ALA A 146 0.28 27.90 -2.73
CA ALA A 146 -0.59 26.89 -2.12
C ALA A 146 0.13 26.18 -0.98
N SER A 147 -0.63 25.86 0.06
CA SER A 147 -0.14 25.01 1.14
C SER A 147 -1.16 23.90 1.38
N VAL A 148 -0.66 22.75 1.83
CA VAL A 148 -1.52 21.63 2.23
C VAL A 148 -1.09 21.17 3.61
N GLY A 149 -2.02 20.50 4.31
CA GLY A 149 -1.75 20.09 5.67
C GLY A 149 -2.37 18.74 6.02
N VAL A 150 -1.88 18.19 7.14
N VAL A 150 -1.87 18.18 7.13
CA VAL A 150 -2.49 16.99 7.70
CA VAL A 150 -2.49 16.99 7.69
C VAL A 150 -3.94 17.25 8.10
C VAL A 150 -3.96 17.25 8.01
N ASP A 151 -4.32 18.53 8.24
CA ASP A 151 -5.69 18.89 8.58
C ASP A 151 -6.67 18.75 7.40
N LYS A 152 -6.22 18.18 6.28
CA LYS A 152 -7.03 17.81 5.10
C LYS A 152 -7.36 19.03 4.25
N SER A 153 -6.85 20.20 4.57
CA SER A 153 -7.18 21.39 3.80
C SER A 153 -6.03 21.81 2.89
N PHE A 154 -6.38 22.51 1.83
CA PHE A 154 -5.40 23.20 1.02
C PHE A 154 -5.80 24.67 0.93
N VAL A 155 -4.81 25.54 1.00
CA VAL A 155 -5.01 26.98 1.10
C VAL A 155 -4.26 27.67 -0.03
N PHE A 156 -4.91 28.64 -0.67
CA PHE A 156 -4.28 29.46 -1.68
C PHE A 156 -4.04 30.86 -1.11
N TYR A 157 -2.89 31.45 -1.48
CA TYR A 157 -2.52 32.79 -1.04
C TYR A 157 -2.16 33.61 -2.26
N ASP A 158 -2.45 34.92 -2.19
CA ASP A 158 -2.09 35.88 -3.23
C ASP A 158 -0.86 36.62 -2.72
N LEU A 159 0.30 36.28 -3.26
CA LEU A 159 1.54 36.90 -2.80
C LEU A 159 1.60 38.38 -3.13
N GLU A 160 0.82 38.82 -4.12
CA GLU A 160 0.82 40.23 -4.50
C GLU A 160 0.13 41.08 -3.44
N THR A 161 -0.99 40.60 -2.90
CA THR A 161 -1.71 41.30 -1.84
C THR A 161 -1.32 40.85 -0.45
N GLY A 162 -0.62 39.73 -0.32
CA GLY A 162 -0.23 39.22 0.99
C GLY A 162 -1.37 38.62 1.78
N GLU A 163 -2.37 38.06 1.11
CA GLU A 163 -3.59 37.59 1.76
C GLU A 163 -3.90 36.16 1.37
N ARG A 164 -4.45 35.42 2.32
CA ARG A 164 -5.12 34.17 1.99
C ARG A 164 -6.34 34.49 1.12
N VAL A 165 -6.53 33.70 0.07
CA VAL A 165 -7.64 33.97 -0.85
C VAL A 165 -8.61 32.82 -1.00
N ALA A 166 -8.26 31.60 -0.59
CA ALA A 166 -9.18 30.49 -0.79
C ALA A 166 -8.74 29.32 0.08
N ARG A 167 -9.71 28.49 0.44
CA ARG A 167 -9.42 27.26 1.15
C ARG A 167 -10.34 26.17 0.62
N GLY A 168 -9.75 24.99 0.37
CA GLY A 168 -10.50 23.82 -0.01
C GLY A 168 -10.23 22.68 0.98
N TYR A 169 -11.08 21.67 0.92
CA TYR A 169 -10.96 20.54 1.83
C TYR A 169 -10.94 19.24 1.04
N ALA A 170 -10.15 18.29 1.52
CA ALA A 170 -10.11 16.94 0.98
C ALA A 170 -10.71 15.97 2.00
N ASP A 171 -10.98 14.74 1.55
CA ASP A 171 -11.51 13.72 2.44
C ASP A 171 -10.43 13.02 3.26
N ALA A 172 -9.16 13.41 3.10
CA ALA A 172 -8.08 12.74 3.80
C ALA A 172 -6.97 13.74 4.05
N ALA A 173 -6.14 13.41 5.05
CA ALA A 173 -4.93 14.18 5.33
C ALA A 173 -4.09 14.31 4.07
N LEU A 174 -3.53 15.50 3.85
CA LEU A 174 -2.74 15.77 2.64
C LEU A 174 -1.26 15.75 2.99
N THR A 175 -0.46 15.24 2.04
CA THR A 175 0.96 14.99 2.29
C THR A 175 1.89 15.79 1.41
N THR A 176 1.44 16.25 0.25
CA THR A 176 2.30 16.95 -0.68
C THR A 176 1.41 17.56 -1.76
N CYS A 177 1.98 18.46 -2.56
CA CYS A 177 1.16 19.10 -3.58
C CYS A 177 2.05 19.67 -4.68
N ALA A 178 1.40 20.03 -5.78
CA ALA A 178 2.11 20.57 -6.94
C ALA A 178 1.09 21.22 -7.86
N PHE A 179 1.51 22.28 -8.55
CA PHE A 179 0.74 22.80 -9.66
C PHE A 179 1.17 22.20 -11.00
N HIS A 180 0.19 22.01 -11.87
CA HIS A 180 0.43 21.67 -13.26
C HIS A 180 1.31 22.75 -13.89
N PRO A 181 2.17 22.40 -14.86
CA PRO A 181 3.05 23.42 -15.44
C PRO A 181 2.32 24.61 -16.03
N ASP A 182 1.09 24.44 -16.51
CA ASP A 182 0.30 25.56 -17.02
C ASP A 182 -0.53 26.24 -15.94
N GLY A 183 -0.68 25.61 -14.78
CA GLY A 183 -1.17 26.29 -13.60
C GLY A 183 -2.66 26.16 -13.32
N ASN A 184 -3.47 25.63 -14.24
CA ASN A 184 -4.91 25.59 -13.97
C ASN A 184 -5.35 24.29 -13.33
N LEU A 185 -4.43 23.39 -13.03
CA LEU A 185 -4.72 22.23 -12.21
C LEU A 185 -3.78 22.24 -11.00
N PHE A 186 -4.30 21.78 -9.87
CA PHE A 186 -3.55 21.70 -8.62
C PHE A 186 -3.71 20.29 -8.09
N ALA A 187 -2.60 19.62 -7.77
CA ALA A 187 -2.64 18.25 -7.30
C ALA A 187 -2.20 18.16 -5.84
N ALA A 188 -2.89 17.34 -5.05
CA ALA A 188 -2.49 17.10 -3.68
C ALA A 188 -2.49 15.59 -3.45
N GLY A 189 -1.40 15.10 -2.87
CA GLY A 189 -1.35 13.69 -2.48
C GLY A 189 -1.95 13.47 -1.10
N THR A 190 -2.52 12.28 -0.90
CA THR A 190 -3.17 11.99 0.38
C THR A 190 -2.42 10.92 1.16
N GLN A 191 -2.66 10.92 2.48
CA GLN A 191 -2.11 9.90 3.34
C GLN A 191 -2.67 8.53 2.99
N THR A 192 -3.87 8.49 2.42
CA THR A 192 -4.54 7.24 2.07
C THR A 192 -4.09 6.69 0.73
N GLY A 193 -3.21 7.37 0.01
CA GLY A 193 -2.63 6.82 -1.19
C GLY A 193 -3.25 7.25 -2.50
N HIS A 194 -3.84 8.44 -2.55
CA HIS A 194 -4.45 8.94 -3.77
C HIS A 194 -3.85 10.28 -4.14
N ILE A 195 -3.89 10.59 -5.43
CA ILE A 195 -3.55 11.92 -5.90
C ILE A 195 -4.84 12.59 -6.35
N LEU A 196 -5.20 13.67 -5.67
CA LEU A 196 -6.41 14.44 -5.99
C LEU A 196 -6.02 15.61 -6.88
N VAL A 197 -6.83 15.86 -7.91
CA VAL A 197 -6.55 16.93 -8.86
C VAL A 197 -7.72 17.90 -8.85
N PHE A 198 -7.43 19.17 -8.61
CA PHE A 198 -8.42 20.24 -8.50
C PHE A 198 -8.22 21.24 -9.62
N HIS A 199 -9.33 21.88 -10.02
CA HIS A 199 -9.24 23.05 -10.87
C HIS A 199 -8.83 24.25 -10.03
N THR A 200 -7.79 24.97 -10.49
CA THR A 200 -7.19 26.03 -9.68
C THR A 200 -8.18 27.16 -9.39
N THR A 201 -8.94 27.60 -10.40
CA THR A 201 -9.77 28.78 -10.20
C THR A 201 -10.95 28.52 -9.29
N THR A 202 -11.46 27.28 -9.27
CA THR A 202 -12.65 26.95 -8.51
C THR A 202 -12.39 26.11 -7.27
N LEU A 203 -11.21 25.50 -7.16
CA LEU A 203 -10.85 24.60 -6.07
C LEU A 203 -11.74 23.36 -6.04
N GLU A 204 -12.47 23.10 -7.12
CA GLU A 204 -13.31 21.93 -7.22
C GLU A 204 -12.48 20.71 -7.64
N GLN A 205 -12.72 19.58 -6.97
CA GLN A 205 -11.99 18.37 -7.33
C GLN A 205 -12.47 17.83 -8.66
N ALA A 206 -11.53 17.61 -9.58
CA ALA A 206 -11.89 17.12 -10.91
C ALA A 206 -11.73 15.62 -11.08
N GLU A 207 -10.77 15.01 -10.39
CA GLU A 207 -10.49 13.59 -10.56
C GLU A 207 -9.53 13.15 -9.46
N SER A 208 -9.46 11.85 -9.27
CA SER A 208 -8.56 11.23 -8.30
C SER A 208 -7.82 10.08 -8.97
N PHE A 209 -6.56 9.90 -8.58
CA PHE A 209 -5.76 8.82 -9.13
C PHE A 209 -5.22 7.90 -8.03
N PRO A 210 -5.25 6.58 -8.23
CA PRO A 210 -4.85 5.66 -7.16
C PRO A 210 -3.38 5.28 -7.20
N LEU A 211 -2.77 5.24 -6.02
CA LEU A 211 -1.41 4.70 -5.87
C LEU A 211 -1.35 3.64 -4.77
N GLY A 212 -1.90 3.95 -3.60
CA GLY A 212 -2.14 2.96 -2.56
C GLY A 212 -1.30 3.13 -1.30
N THR A 213 -0.29 3.98 -1.32
CA THR A 213 0.60 4.25 -0.20
C THR A 213 0.66 5.75 0.00
N PRO A 214 0.95 6.22 1.21
CA PRO A 214 0.95 7.68 1.45
C PRO A 214 1.83 8.38 0.43
N ILE A 215 1.30 9.43 -0.19
CA ILE A 215 2.04 10.05 -1.29
C ILE A 215 3.22 10.82 -0.70
N GLN A 216 4.43 10.48 -1.16
CA GLN A 216 5.65 11.05 -0.61
C GLN A 216 6.23 12.14 -1.49
N ALA A 217 6.09 11.99 -2.80
CA ALA A 217 6.59 12.98 -3.75
C ALA A 217 5.70 12.98 -4.98
N LEU A 218 5.65 14.14 -5.63
CA LEU A 218 4.71 14.43 -6.70
C LEU A 218 5.35 15.44 -7.63
N ALA A 219 5.34 15.18 -8.94
CA ALA A 219 5.89 16.14 -9.89
C ALA A 219 5.22 15.99 -11.25
N PHE A 220 4.81 17.11 -11.83
CA PHE A 220 4.25 17.11 -13.17
C PHE A 220 5.36 17.15 -14.21
N SER A 221 5.08 16.58 -15.36
CA SER A 221 5.97 16.75 -16.50
C SER A 221 5.58 17.99 -17.28
N GLU A 222 6.59 18.65 -17.84
CA GLU A 222 6.29 19.77 -18.72
C GLU A 222 5.57 19.35 -20.00
N ASN A 223 5.39 18.05 -20.26
CA ASN A 223 4.61 17.70 -21.44
C ASN A 223 3.13 18.01 -21.26
N GLY A 224 2.70 18.31 -20.03
CA GLY A 224 1.35 18.72 -19.75
C GLY A 224 0.35 17.60 -19.52
N PHE A 225 0.71 16.34 -19.76
CA PHE A 225 -0.27 15.28 -19.51
C PHE A 225 0.21 14.20 -18.55
N TRP A 226 1.49 14.17 -18.18
CA TRP A 226 1.99 13.20 -17.23
C TRP A 226 2.27 13.86 -15.90
N PHE A 227 2.11 13.08 -14.83
CA PHE A 227 2.73 13.42 -13.56
C PHE A 227 3.30 12.15 -12.94
N ALA A 228 4.28 12.33 -12.08
CA ALA A 228 4.92 11.24 -11.37
C ALA A 228 4.53 11.30 -9.89
N ALA A 229 4.35 10.13 -9.28
CA ALA A 229 4.09 10.06 -7.85
C ALA A 229 4.76 8.82 -7.29
N THR A 230 5.10 8.87 -6.00
CA THR A 230 5.67 7.72 -5.32
C THR A 230 5.13 7.68 -3.90
N GLY A 231 4.99 6.48 -3.37
CA GLY A 231 4.39 6.25 -2.06
C GLY A 231 5.43 5.88 -1.02
N LYS A 232 5.16 6.28 0.23
CA LYS A 232 6.04 5.90 1.32
C LYS A 232 6.19 4.39 1.41
N GLY A 233 7.41 3.94 1.64
CA GLY A 233 7.70 2.54 1.81
C GLY A 233 7.89 1.77 0.52
N THR A 234 7.70 2.41 -0.64
CA THR A 234 7.85 1.75 -1.93
C THR A 234 9.22 2.05 -2.54
N SER A 235 9.53 1.32 -3.60
CA SER A 235 10.81 1.46 -4.30
C SER A 235 10.61 1.71 -5.78
N SER A 236 9.53 2.40 -6.14
CA SER A 236 9.25 2.71 -7.54
C SER A 236 8.53 4.05 -7.63
N VAL A 237 8.51 4.59 -8.83
CA VAL A 237 7.79 5.81 -9.16
C VAL A 237 6.79 5.46 -10.24
N THR A 238 5.56 5.96 -10.11
CA THR A 238 4.53 5.69 -11.12
C THR A 238 4.26 6.94 -11.94
N ILE A 239 4.18 6.76 -13.26
CA ILE A 239 3.82 7.82 -14.18
C ILE A 239 2.33 7.71 -14.48
N PHE A 240 1.59 8.79 -14.24
CA PHE A 240 0.16 8.83 -14.48
C PHE A 240 -0.15 9.71 -15.68
N ASP A 241 -1.14 9.31 -16.47
CA ASP A 241 -1.55 10.05 -17.66
C ASP A 241 -2.86 10.77 -17.30
N LEU A 242 -2.81 12.10 -17.25
CA LEU A 242 -4.00 12.89 -16.92
C LEU A 242 -5.15 12.67 -17.90
N ARG A 243 -4.86 12.15 -19.09
CA ARG A 243 -5.87 11.93 -20.11
C ARG A 243 -6.62 10.61 -19.92
N LYS A 244 -6.22 9.80 -18.95
CA LYS A 244 -6.88 8.54 -18.62
C LYS A 244 -7.52 8.65 -17.24
N SER A 245 -8.21 7.60 -16.82
CA SER A 245 -8.93 7.63 -15.55
C SER A 245 -8.68 6.36 -14.74
N GLY A 246 -8.73 6.52 -13.42
CA GLY A 246 -8.64 5.40 -12.49
C GLY A 246 -7.30 4.68 -12.55
N ALA A 247 -7.34 3.38 -12.25
CA ALA A 247 -6.11 2.59 -12.24
C ALA A 247 -5.47 2.54 -13.62
N ALA A 248 -6.27 2.67 -14.68
CA ALA A 248 -5.72 2.65 -16.04
C ALA A 248 -4.82 3.85 -16.32
N ALA A 249 -4.90 4.89 -15.51
CA ALA A 249 -4.06 6.05 -15.75
C ALA A 249 -2.61 5.83 -15.35
N ALA A 250 -2.30 4.76 -14.60
CA ALA A 250 -0.92 4.44 -14.26
C ALA A 250 -0.33 3.79 -15.50
N VAL A 251 0.50 4.55 -16.23
CA VAL A 251 0.97 4.06 -17.53
C VAL A 251 2.40 3.55 -17.51
N LYS A 252 3.12 3.72 -16.40
CA LYS A 252 4.50 3.28 -16.33
C LYS A 252 4.91 3.21 -14.87
N GLU A 253 5.62 2.15 -14.50
CA GLU A 253 6.24 2.04 -13.19
C GLU A 253 7.75 1.96 -13.40
N LEU A 254 8.48 2.80 -12.69
CA LEU A 254 9.93 2.93 -12.85
C LEU A 254 10.61 2.43 -11.58
N GLN A 255 11.59 1.53 -11.73
CA GLN A 255 12.28 0.96 -10.57
C GLN A 255 13.37 1.92 -10.12
N THR A 256 13.17 2.52 -8.96
CA THR A 256 13.98 3.65 -8.52
C THR A 256 14.67 3.44 -7.18
N GLY A 257 14.26 2.46 -6.39
CA GLY A 257 14.58 2.49 -4.97
C GLY A 257 13.68 3.50 -4.26
N GLU A 258 13.94 3.70 -2.97
CA GLU A 258 13.18 4.68 -2.19
C GLU A 258 13.34 6.07 -2.78
N VAL A 259 12.21 6.76 -2.96
CA VAL A 259 12.20 8.11 -3.51
C VAL A 259 11.56 9.03 -2.48
N LEU A 260 12.36 9.93 -1.93
CA LEU A 260 11.83 10.96 -1.03
C LEU A 260 11.57 12.26 -1.74
N SER A 261 12.14 12.44 -2.94
CA SER A 261 12.11 13.72 -3.61
C SER A 261 12.28 13.46 -5.10
N ILE A 262 11.46 14.14 -5.91
CA ILE A 262 11.51 14.05 -7.37
C ILE A 262 11.75 15.44 -7.95
N SER A 263 12.59 15.51 -8.98
CA SER A 263 12.73 16.73 -9.78
C SER A 263 12.68 16.34 -11.24
N TRP A 264 11.63 16.77 -11.94
CA TRP A 264 11.47 16.51 -13.36
C TRP A 264 11.90 17.77 -14.11
N ASP A 265 12.89 17.66 -15.00
CA ASP A 265 13.50 18.84 -15.59
C ASP A 265 12.53 19.53 -16.57
N TYR A 266 12.91 20.76 -16.97
CA TYR A 266 12.03 21.57 -17.80
C TYR A 266 11.65 20.88 -19.11
N THR A 267 12.54 20.08 -19.69
CA THR A 267 12.24 19.46 -20.97
C THR A 267 11.37 18.21 -20.82
N GLY A 268 11.16 17.75 -19.59
CA GLY A 268 10.44 16.51 -19.35
C GLY A 268 11.23 15.26 -19.69
N GLN A 269 12.50 15.38 -20.05
CA GLN A 269 13.32 14.23 -20.40
C GLN A 269 13.95 13.55 -19.20
N TYR A 270 14.21 14.28 -18.12
CA TYR A 270 15.02 13.78 -17.03
C TYR A 270 14.26 13.87 -15.71
N LEU A 271 13.86 12.72 -15.19
CA LEU A 271 13.16 12.62 -13.92
C LEU A 271 14.16 12.16 -12.87
N ALA A 272 14.66 13.11 -12.07
CA ALA A 272 15.62 12.79 -11.02
C ALA A 272 14.90 12.39 -9.74
N THR A 273 15.47 11.42 -9.02
CA THR A 273 14.94 10.96 -7.74
C THR A 273 16.07 10.89 -6.73
N GLY A 274 15.69 11.00 -5.47
CA GLY A 274 16.64 10.83 -4.41
C GLY A 274 15.94 10.28 -3.18
N GLY A 275 16.63 9.41 -2.47
CA GLY A 275 16.10 8.82 -1.26
C GLY A 275 17.21 8.17 -0.46
N GLY A 276 16.80 7.33 0.48
CA GLY A 276 17.75 6.75 1.43
C GLY A 276 18.78 5.81 0.83
N THR A 277 18.53 5.29 -0.38
CA THR A 277 19.53 4.45 -1.03
C THR A 277 20.22 5.14 -2.21
N GLY A 278 19.96 6.43 -2.43
CA GLY A 278 20.77 7.12 -3.41
C GLY A 278 19.96 7.98 -4.36
N VAL A 279 20.62 8.34 -5.46
CA VAL A 279 20.08 9.25 -6.46
C VAL A 279 19.95 8.47 -7.76
N THR A 280 18.85 8.68 -8.49
CA THR A 280 18.74 8.15 -9.84
C THR A 280 18.26 9.24 -10.79
N VAL A 281 18.49 9.01 -12.07
CA VAL A 281 17.80 9.77 -13.10
C VAL A 281 17.13 8.77 -14.03
N GLN A 282 15.82 8.87 -14.14
CA GLN A 282 15.07 8.13 -15.15
C GLN A 282 14.88 9.04 -16.35
N MET A 283 15.30 8.57 -17.53
CA MET A 283 15.26 9.37 -18.74
C MET A 283 14.18 8.86 -19.68
N TYR A 284 13.32 9.75 -20.15
CA TYR A 284 12.35 9.43 -21.19
C TYR A 284 12.86 9.97 -22.52
N THR A 285 13.10 9.07 -23.46
CA THR A 285 13.52 9.40 -24.81
C THR A 285 12.28 9.40 -25.69
N LYS A 286 11.81 10.60 -26.07
CA LYS A 286 10.54 10.69 -26.79
C LYS A 286 10.62 10.05 -28.17
N ALA A 287 11.74 10.23 -28.87
CA ALA A 287 11.87 9.69 -30.21
C ALA A 287 11.63 8.18 -30.25
N THR A 288 12.02 7.46 -29.20
CA THR A 288 11.81 6.02 -29.13
C THR A 288 10.72 5.62 -28.15
N LYS A 289 10.05 6.59 -27.51
CA LYS A 289 9.01 6.36 -26.52
C LYS A 289 9.44 5.31 -25.50
N SER A 290 10.63 5.49 -24.94
CA SER A 290 11.17 4.49 -24.03
C SER A 290 11.89 5.17 -22.87
N TRP A 291 11.92 4.48 -21.75
CA TRP A 291 12.55 4.93 -20.51
C TRP A 291 13.85 4.18 -20.28
N SER A 292 14.81 4.85 -19.64
CA SER A 292 16.06 4.22 -19.27
C SER A 292 16.58 4.91 -18.02
N GLU A 293 17.68 4.40 -17.47
CA GLU A 293 18.22 4.95 -16.23
C GLU A 293 19.70 5.26 -16.40
N PRO A 294 20.02 6.45 -16.93
CA PRO A 294 21.43 6.81 -17.14
C PRO A 294 22.22 7.01 -15.86
N VAL A 295 21.55 7.30 -14.73
CA VAL A 295 22.23 7.69 -13.50
C VAL A 295 21.76 6.82 -12.35
N ARG A 296 22.71 6.24 -11.61
CA ARG A 296 22.40 5.62 -10.32
C ARG A 296 23.61 5.79 -9.42
N LEU A 297 23.46 6.62 -8.40
CA LEU A 297 24.51 6.87 -7.41
C LEU A 297 24.02 6.47 -6.03
N GLY A 298 24.97 6.12 -5.15
CA GLY A 298 24.61 5.58 -3.85
C GLY A 298 24.38 6.55 -2.72
N MET A 299 24.67 7.83 -2.89
CA MET A 299 24.64 8.78 -1.77
C MET A 299 23.22 9.00 -1.27
N PRO A 300 22.93 8.71 0.00
CA PRO A 300 21.59 8.97 0.53
C PRO A 300 21.29 10.46 0.60
N VAL A 301 20.08 10.84 0.18
CA VAL A 301 19.64 12.24 0.13
C VAL A 301 18.17 12.32 0.52
N VAL A 302 17.74 13.55 0.84
CA VAL A 302 16.33 13.83 1.13
C VAL A 302 15.71 14.80 0.15
N GLY A 303 16.49 15.43 -0.75
CA GLY A 303 15.94 16.34 -1.72
C GLY A 303 16.87 16.40 -2.92
N VAL A 304 16.28 16.56 -4.10
CA VAL A 304 17.04 16.75 -5.35
C VAL A 304 16.33 17.83 -6.16
N LYS A 305 17.13 18.62 -6.89
CA LYS A 305 16.60 19.67 -7.76
C LYS A 305 17.54 19.87 -8.93
N TRP A 306 16.99 19.89 -10.14
CA TRP A 306 17.78 20.23 -11.33
C TRP A 306 18.24 21.67 -11.29
N GLY A 307 19.52 21.89 -11.61
CA GLY A 307 20.04 23.20 -11.87
C GLY A 307 19.90 23.59 -13.34
N GLY A 308 20.62 24.64 -13.71
CA GLY A 308 20.47 25.24 -15.03
C GLY A 308 20.71 24.27 -16.17
N GLU A 309 19.78 24.23 -17.13
CA GLU A 309 19.86 23.41 -18.33
C GLU A 309 20.01 21.93 -18.01
N ALA A 310 19.66 21.53 -16.79
CA ALA A 310 19.82 20.15 -16.30
C ALA A 310 21.28 19.70 -16.41
N LYS A 311 22.21 20.66 -16.41
CA LYS A 311 23.62 20.32 -16.45
C LYS A 311 24.22 20.14 -15.07
N ARG A 312 23.45 20.45 -14.03
CA ARG A 312 23.81 20.17 -12.65
C ARG A 312 22.58 19.62 -11.97
N LEU A 313 22.81 18.77 -10.98
CA LEU A 313 21.75 18.30 -10.10
C LEU A 313 22.20 18.56 -8.68
N VAL A 314 21.42 19.32 -7.93
CA VAL A 314 21.75 19.71 -6.56
C VAL A 314 20.96 18.82 -5.61
N VAL A 315 21.65 18.21 -4.64
CA VAL A 315 21.04 17.24 -3.75
C VAL A 315 21.49 17.54 -2.31
N VAL A 316 20.69 17.11 -1.35
CA VAL A 316 21.02 17.38 0.05
C VAL A 316 20.68 16.16 0.89
N SER A 317 21.55 15.86 1.85
CA SER A 317 21.32 14.76 2.77
C SER A 317 20.60 15.24 4.04
N ARG A 318 20.05 14.28 4.79
CA ARG A 318 19.36 14.62 6.02
C ARG A 318 20.29 15.30 7.02
N GLU A 319 21.58 14.95 7.00
CA GLU A 319 22.53 15.57 7.92
C GLU A 319 22.95 16.97 7.48
N GLY A 320 22.46 17.44 6.34
CA GLY A 320 22.75 18.79 5.89
C GLY A 320 23.97 18.92 5.01
N VAL A 321 24.36 17.87 4.30
CA VAL A 321 25.42 17.97 3.29
C VAL A 321 24.76 18.25 1.95
N VAL A 322 25.11 19.38 1.33
CA VAL A 322 24.64 19.69 -0.02
C VAL A 322 25.72 19.26 -1.00
N SER A 323 25.31 18.57 -2.07
CA SER A 323 26.23 18.10 -3.09
C SER A 323 25.76 18.58 -4.45
N VAL A 324 26.69 18.93 -5.31
CA VAL A 324 26.39 19.31 -6.68
C VAL A 324 26.92 18.22 -7.59
N LEU A 325 26.02 17.62 -8.35
CA LEU A 325 26.40 16.68 -9.40
C LEU A 325 26.47 17.44 -10.71
N GLY A 326 27.52 17.18 -11.48
CA GLY A 326 27.76 17.98 -12.66
C GLY A 326 28.82 17.33 -13.53
N LYS A 327 29.28 18.10 -14.53
CA LYS A 327 30.34 17.64 -15.42
C LYS A 327 31.69 17.83 -14.73
N LYS A 328 32.43 16.74 -14.51
CA LYS A 328 33.70 16.87 -13.79
C LYS A 328 34.78 17.44 -14.70
N GLU A 329 35.64 18.26 -14.10
CA GLU A 329 36.54 19.13 -14.83
C GLU A 329 35.71 20.09 -15.68
N VAL B 1 -24.60 -40.38 7.50
CA VAL B 1 -25.54 -39.38 6.99
C VAL B 1 -26.36 -38.78 8.13
N ASP B 2 -26.42 -39.48 9.27
CA ASP B 2 -27.19 -39.01 10.41
C ASP B 2 -26.50 -37.82 11.06
N SER B 3 -27.30 -36.84 11.47
CA SER B 3 -26.76 -35.73 12.25
C SER B 3 -26.24 -36.23 13.60
N GLU B 4 -25.22 -35.55 14.12
CA GLU B 4 -24.69 -35.84 15.43
C GLU B 4 -24.45 -34.55 16.18
N SER B 5 -24.88 -34.51 17.44
CA SER B 5 -24.64 -33.37 18.31
C SER B 5 -23.33 -33.55 19.08
N LEU B 6 -22.71 -32.44 19.42
CA LEU B 6 -21.45 -32.44 20.16
C LEU B 6 -21.66 -32.99 21.56
N SER B 7 -20.68 -33.77 22.03
CA SER B 7 -20.70 -34.26 23.40
C SER B 7 -20.67 -33.11 24.38
N GLU B 8 -21.27 -33.33 25.54
CA GLU B 8 -21.36 -32.30 26.57
C GLU B 8 -19.97 -31.82 26.99
N GLY B 9 -18.99 -32.73 27.04
CA GLY B 9 -17.64 -32.32 27.38
C GLY B 9 -17.05 -31.35 26.37
N LEU B 10 -17.34 -31.56 25.08
CA LEU B 10 -16.84 -30.65 24.07
C LEU B 10 -17.63 -29.34 24.06
N VAL B 11 -18.91 -29.37 24.42
CA VAL B 11 -19.68 -28.13 24.55
C VAL B 11 -19.05 -27.25 25.62
N GLU B 12 -18.72 -27.84 26.76
CA GLU B 12 -18.06 -27.10 27.82
C GLU B 12 -16.70 -26.56 27.37
N HIS B 13 -15.93 -27.38 26.65
CA HIS B 13 -14.65 -26.93 26.10
C HIS B 13 -14.84 -25.71 25.21
N VAL B 14 -15.80 -25.76 24.29
CA VAL B 14 -16.03 -24.64 23.37
C VAL B 14 -16.43 -23.39 24.15
N ASN B 15 -17.31 -23.56 25.14
CA ASN B 15 -17.72 -22.41 25.93
C ASN B 15 -16.55 -21.82 26.71
N GLU B 16 -15.72 -22.69 27.30
CA GLU B 16 -14.56 -22.22 28.06
C GLU B 16 -13.57 -21.48 27.18
N VAL B 17 -13.31 -21.99 25.98
CA VAL B 17 -12.38 -21.34 25.07
C VAL B 17 -12.91 -19.98 24.65
N GLN B 18 -14.20 -19.91 24.34
CA GLN B 18 -14.81 -18.64 23.95
C GLN B 18 -14.62 -17.59 25.04
N GLN B 19 -14.96 -17.93 26.29
CA GLN B 19 -14.86 -16.91 27.33
C GLN B 19 -13.41 -16.50 27.57
N GLN B 20 -12.46 -17.43 27.42
CA GLN B 20 -11.05 -17.11 27.61
C GLN B 20 -10.53 -16.22 26.48
N LEU B 21 -10.90 -16.53 25.24
CA LEU B 21 -10.44 -15.73 24.12
C LEU B 21 -11.15 -14.38 24.05
N MET B 22 -12.42 -14.32 24.49
CA MET B 22 -13.14 -13.06 24.51
C MET B 22 -12.51 -12.05 25.46
N LYS B 23 -12.11 -12.52 26.64
CA LYS B 23 -11.78 -11.58 27.72
C LYS B 23 -10.51 -10.79 27.44
N THR B 24 -9.69 -11.23 26.49
CA THR B 24 -8.46 -10.54 26.14
C THR B 24 -8.40 -10.07 24.69
N ARG B 25 -9.47 -10.25 23.91
CA ARG B 25 -9.43 -9.80 22.52
C ARG B 25 -9.47 -8.28 22.44
N LYS B 26 -10.36 -7.65 23.22
CA LYS B 26 -10.58 -6.21 23.04
C LYS B 26 -9.43 -5.36 23.56
N LYS B 27 -8.61 -5.88 24.49
CA LYS B 27 -7.47 -5.14 25.02
C LYS B 27 -6.15 -5.60 24.43
N ARG B 28 -6.18 -6.30 23.30
CA ARG B 28 -4.96 -6.84 22.69
C ARG B 28 -4.26 -5.76 21.89
N PRO B 29 -3.01 -5.43 22.18
CA PRO B 29 -2.28 -4.43 21.39
C PRO B 29 -1.60 -5.06 20.18
N ILE B 30 -1.12 -4.19 19.30
CA ILE B 30 -0.29 -4.61 18.17
C ILE B 30 1.02 -5.15 18.75
N PRO B 31 1.37 -6.40 18.48
CA PRO B 31 2.57 -6.98 19.10
C PRO B 31 3.81 -6.18 18.79
N GLN B 32 4.72 -6.11 19.76
CA GLN B 32 6.01 -5.49 19.52
C GLN B 32 6.74 -6.25 18.43
N GLY B 33 7.35 -5.50 17.50
CA GLY B 33 8.05 -6.10 16.39
C GLY B 33 7.19 -6.50 15.21
N TRP B 34 5.89 -6.20 15.23
CA TRP B 34 5.04 -6.53 14.10
C TRP B 34 5.44 -5.70 12.88
N ALA B 35 5.10 -6.22 11.70
CA ALA B 35 5.32 -5.48 10.47
C ALA B 35 4.66 -4.11 10.53
N THR B 36 5.42 -3.09 10.16
CA THR B 36 4.87 -1.75 10.03
C THR B 36 4.16 -1.59 8.70
N ALA B 37 3.41 -0.49 8.60
CA ALA B 37 2.82 -0.10 7.32
C ALA B 37 3.84 -0.08 6.20
N ASP B 38 5.02 0.51 6.45
CA ASP B 38 6.03 0.59 5.40
C ASP B 38 6.63 -0.78 5.08
N ASP B 39 6.74 -1.65 6.10
CA ASP B 39 7.17 -3.02 5.83
C ASP B 39 6.25 -3.69 4.83
N VAL B 40 4.94 -3.57 5.05
CA VAL B 40 4.00 -4.21 4.14
C VAL B 40 4.09 -3.59 2.75
N ALA B 41 4.23 -2.26 2.67
CA ALA B 41 4.31 -1.62 1.37
C ALA B 41 5.51 -2.11 0.57
N ALA B 42 6.57 -2.53 1.24
CA ALA B 42 7.79 -2.91 0.53
C ALA B 42 7.80 -4.35 0.07
N LEU B 43 6.75 -5.13 0.36
CA LEU B 43 6.77 -6.56 0.05
C LEU B 43 7.06 -6.79 -1.42
N GLN B 44 8.00 -7.69 -1.69
CA GLN B 44 8.34 -8.08 -3.05
C GLN B 44 8.87 -9.51 -3.03
N GLN B 45 8.88 -10.14 -4.20
CA GLN B 45 9.39 -11.50 -4.27
C GLN B 45 10.85 -11.54 -3.83
N VAL B 46 11.14 -12.34 -2.81
CA VAL B 46 12.51 -12.53 -2.33
C VAL B 46 13.02 -13.95 -2.56
N ALA B 47 12.14 -14.93 -2.80
CA ALA B 47 12.54 -16.30 -3.05
C ALA B 47 11.38 -17.03 -3.72
N TYR B 48 11.71 -18.08 -4.46
CA TYR B 48 10.68 -18.97 -5.02
C TYR B 48 11.23 -20.37 -5.21
N THR B 49 10.31 -21.32 -5.28
CA THR B 49 10.60 -22.73 -5.55
C THR B 49 9.52 -23.29 -6.46
N ASP B 50 9.93 -24.06 -7.47
CA ASP B 50 8.99 -24.85 -8.28
C ASP B 50 8.75 -26.14 -7.51
N LEU B 51 7.57 -26.27 -6.89
CA LEU B 51 7.23 -27.49 -6.17
C LEU B 51 7.04 -28.64 -7.15
N ASN B 52 7.05 -29.85 -6.62
CA ASN B 52 6.64 -30.97 -7.45
C ASN B 52 5.13 -31.10 -7.54
N VAL B 53 4.40 -30.40 -6.67
CA VAL B 53 2.95 -30.30 -6.78
C VAL B 53 2.57 -29.47 -8.01
N THR B 54 1.59 -29.94 -8.79
CA THR B 54 0.89 -29.17 -9.81
C THR B 54 -0.62 -29.21 -9.57
N GLN B 55 -1.36 -28.36 -10.29
CA GLN B 55 -2.77 -28.05 -9.99
C GLN B 55 -2.94 -27.80 -8.50
N ALA B 56 -2.10 -26.90 -7.97
CA ALA B 56 -2.18 -26.58 -6.54
C ALA B 56 -3.56 -26.04 -6.20
N SER B 57 -4.11 -26.53 -5.09
CA SER B 57 -5.46 -26.18 -4.67
C SER B 57 -5.51 -25.45 -3.34
N SER B 58 -4.48 -25.58 -2.51
CA SER B 58 -4.61 -25.16 -1.13
C SER B 58 -3.24 -24.93 -0.54
N LEU B 59 -3.19 -24.04 0.43
CA LEU B 59 -1.95 -23.62 1.08
C LEU B 59 -2.27 -23.32 2.54
N ASP B 60 -1.43 -23.78 3.46
CA ASP B 60 -1.48 -23.29 4.84
C ASP B 60 -0.06 -23.16 5.36
N LEU B 61 0.09 -22.31 6.37
CA LEU B 61 1.41 -21.95 6.85
C LEU B 61 1.41 -21.98 8.37
N GLU B 62 2.45 -22.57 8.95
CA GLU B 62 2.66 -22.49 10.39
C GLU B 62 4.16 -22.46 10.65
N ASN B 63 4.60 -21.49 11.45
CA ASN B 63 6.00 -21.37 11.83
C ASN B 63 6.91 -21.52 10.61
N GLU B 64 6.58 -20.77 9.57
CA GLU B 64 7.37 -20.69 8.33
C GLU B 64 7.50 -22.04 7.64
N CYS B 65 6.53 -22.93 7.87
CA CYS B 65 6.42 -24.20 7.16
C CYS B 65 5.12 -24.17 6.37
N ALA B 66 5.21 -24.28 5.06
CA ALA B 66 4.02 -24.26 4.21
C ALA B 66 3.63 -25.68 3.82
N ALA B 67 2.34 -25.95 3.83
CA ALA B 67 1.81 -27.19 3.29
C ALA B 67 0.99 -26.83 2.06
N VAL B 68 1.32 -27.45 0.93
CA VAL B 68 0.64 -27.16 -0.33
C VAL B 68 0.08 -28.47 -0.87
N GLY B 69 -1.23 -28.50 -1.11
CA GLY B 69 -1.88 -29.67 -1.66
C GLY B 69 -2.26 -29.42 -3.11
N GLY B 70 -2.33 -30.50 -3.88
CA GLY B 70 -2.65 -30.37 -5.29
C GLY B 70 -3.66 -31.40 -5.75
N LEU B 71 -4.37 -31.04 -6.82
CA LEU B 71 -5.29 -31.98 -7.44
C LEU B 71 -4.56 -33.13 -8.10
N ASP B 72 -3.24 -33.05 -8.23
CA ASP B 72 -2.39 -34.13 -8.69
C ASP B 72 -2.15 -35.19 -7.60
N GLY B 73 -2.78 -35.05 -6.44
CA GLY B 73 -2.65 -36.07 -5.42
C GLY B 73 -1.41 -35.94 -4.55
N LYS B 74 -0.72 -34.82 -4.62
CA LYS B 74 0.51 -34.60 -3.87
C LYS B 74 0.28 -33.59 -2.74
N LEU B 75 1.07 -33.75 -1.68
CA LEU B 75 1.16 -32.78 -0.60
C LEU B 75 2.63 -32.49 -0.37
N ASP B 76 3.02 -31.23 -0.57
CA ASP B 76 4.41 -30.82 -0.38
C ASP B 76 4.51 -30.01 0.91
N ILE B 77 5.58 -30.27 1.68
CA ILE B 77 5.91 -29.47 2.86
C ILE B 77 7.14 -28.64 2.51
N TYR B 78 7.00 -27.33 2.61
CA TYR B 78 8.01 -26.40 2.11
C TYR B 78 8.48 -25.50 3.24
N SER B 79 9.80 -25.38 3.36
CA SER B 79 10.43 -24.52 4.36
C SER B 79 10.65 -23.14 3.75
N VAL B 80 10.00 -22.12 4.32
CA VAL B 80 10.20 -20.75 3.87
C VAL B 80 11.66 -20.34 4.05
N VAL B 81 12.26 -20.72 5.18
CA VAL B 81 13.60 -20.22 5.49
C VAL B 81 14.63 -20.87 4.58
N ALA B 82 14.52 -22.17 4.34
CA ALA B 82 15.48 -22.84 3.47
C ALA B 82 15.13 -22.70 1.99
N ASN B 83 13.95 -22.19 1.65
CA ASN B 83 13.42 -22.17 0.28
C ASN B 83 13.62 -23.52 -0.40
N LYS B 84 13.01 -24.54 0.19
CA LYS B 84 13.27 -25.91 -0.23
C LYS B 84 12.11 -26.80 0.20
N VAL B 85 11.73 -27.73 -0.67
CA VAL B 85 10.78 -28.77 -0.31
C VAL B 85 11.44 -29.69 0.71
N GLU B 86 10.80 -29.85 1.87
CA GLU B 86 11.33 -30.69 2.93
C GLU B 86 10.75 -32.09 2.93
N ARG B 87 9.51 -32.26 2.46
CA ARG B 87 8.85 -33.55 2.41
C ARG B 87 7.83 -33.54 1.29
N THR B 88 7.71 -34.66 0.58
CA THR B 88 6.64 -34.84 -0.39
C THR B 88 5.86 -36.11 -0.04
N LEU B 89 4.54 -35.99 -0.01
CA LEU B 89 3.66 -37.10 0.32
C LEU B 89 2.76 -37.38 -0.87
N ASP B 90 2.68 -38.64 -1.28
CA ASP B 90 1.73 -39.03 -2.32
C ASP B 90 0.42 -39.37 -1.62
N ILE B 91 -0.52 -38.42 -1.61
CA ILE B 91 -1.82 -38.68 -0.99
C ILE B 91 -2.62 -39.68 -1.81
N GLY B 92 -2.45 -39.67 -3.13
CA GLY B 92 -3.06 -40.67 -3.98
C GLY B 92 -4.47 -40.36 -4.44
N GLU B 93 -5.04 -39.24 -4.01
CA GLU B 93 -6.30 -38.71 -4.49
C GLU B 93 -6.17 -37.20 -4.56
N PRO B 94 -6.92 -36.54 -5.44
CA PRO B 94 -6.82 -35.08 -5.53
C PRO B 94 -7.05 -34.42 -4.18
N VAL B 95 -6.12 -33.54 -3.80
CA VAL B 95 -6.20 -32.85 -2.51
C VAL B 95 -6.93 -31.53 -2.74
N THR B 96 -8.04 -31.34 -2.02
CA THR B 96 -8.88 -30.18 -2.21
C THR B 96 -8.81 -29.19 -1.06
N ALA B 97 -8.17 -29.55 0.05
CA ALA B 97 -8.05 -28.66 1.19
C ALA B 97 -6.88 -29.10 2.05
N THR B 98 -6.21 -28.13 2.68
CA THR B 98 -5.04 -28.40 3.49
CA THR B 98 -5.04 -28.41 3.50
C THR B 98 -5.03 -27.45 4.68
N GLU B 99 -4.79 -27.98 5.88
CA GLU B 99 -4.70 -27.13 7.06
C GLU B 99 -3.70 -27.75 8.04
N TRP B 100 -2.93 -26.90 8.72
CA TRP B 100 -2.11 -27.36 9.83
C TRP B 100 -2.92 -27.45 11.12
N THR B 101 -2.63 -28.48 11.91
CA THR B 101 -3.08 -28.60 13.29
CA THR B 101 -3.07 -28.57 13.30
C THR B 101 -1.82 -28.87 14.11
N GLY B 102 -1.32 -27.86 14.82
CA GLY B 102 -0.01 -28.03 15.43
C GLY B 102 1.00 -28.23 14.31
N THR B 103 1.81 -29.28 14.42
CA THR B 103 2.74 -29.64 13.36
C THR B 103 2.25 -30.84 12.54
N LYS B 104 0.99 -31.21 12.69
CA LYS B 104 0.36 -32.20 11.82
C LYS B 104 -0.37 -31.48 10.70
N VAL B 105 -0.47 -32.15 9.55
CA VAL B 105 -1.17 -31.61 8.39
C VAL B 105 -2.45 -32.40 8.21
N VAL B 106 -3.56 -31.68 8.01
CA VAL B 106 -4.84 -32.28 7.66
C VAL B 106 -5.13 -31.98 6.21
N ILE B 107 -5.56 -32.99 5.46
CA ILE B 107 -5.98 -32.78 4.08
C ILE B 107 -7.41 -33.27 3.90
N GLY B 108 -8.07 -32.67 2.90
CA GLY B 108 -9.34 -33.17 2.41
C GLY B 108 -9.16 -33.54 0.96
N THR B 109 -9.93 -34.53 0.50
CA THR B 109 -9.76 -34.99 -0.88
C THR B 109 -11.06 -34.88 -1.67
N ALA B 110 -10.92 -34.96 -2.99
CA ALA B 110 -12.07 -34.92 -3.88
C ALA B 110 -12.98 -36.13 -3.74
N LYS B 111 -12.52 -37.19 -3.08
CA LYS B 111 -13.34 -38.38 -2.85
C LYS B 111 -14.03 -38.35 -1.50
N GLY B 112 -13.94 -37.25 -0.77
CA GLY B 112 -14.65 -37.11 0.48
C GLY B 112 -13.91 -37.53 1.72
N TRP B 113 -12.60 -37.71 1.63
CA TRP B 113 -11.80 -38.17 2.76
C TRP B 113 -11.16 -36.99 3.47
N VAL B 114 -11.01 -37.16 4.78
CA VAL B 114 -10.24 -36.26 5.62
C VAL B 114 -9.15 -37.11 6.27
N LYS B 115 -7.89 -36.70 6.10
CA LYS B 115 -6.77 -37.47 6.62
C LYS B 115 -5.78 -36.56 7.34
N VAL B 116 -5.14 -37.13 8.35
CA VAL B 116 -4.17 -36.41 9.17
C VAL B 116 -2.82 -37.08 9.01
N TYR B 117 -1.80 -36.29 8.73
CA TYR B 117 -0.43 -36.77 8.59
C TYR B 117 0.46 -36.11 9.63
N ASP B 118 1.24 -36.92 10.33
CA ASP B 118 2.13 -36.50 11.41
C ASP B 118 3.55 -36.81 10.93
N ALA B 119 4.26 -35.77 10.50
CA ALA B 119 5.61 -35.91 9.96
C ALA B 119 5.65 -36.95 8.86
N GLY B 120 4.68 -36.87 7.95
CA GLY B 120 4.63 -37.77 6.82
C GLY B 120 3.97 -39.11 7.09
N ARG B 121 3.51 -39.36 8.32
CA ARG B 121 2.91 -40.63 8.68
C ARG B 121 1.42 -40.44 8.89
N GLU B 122 0.60 -41.20 8.16
CA GLU B 122 -0.85 -41.13 8.32
C GLU B 122 -1.24 -41.53 9.74
N SER B 123 -1.87 -40.61 10.47
CA SER B 123 -2.26 -40.87 11.85
C SER B 123 -3.75 -40.93 12.08
N ALA B 124 -4.56 -40.47 11.12
CA ALA B 124 -6.01 -40.60 11.21
C ALA B 124 -6.58 -40.50 9.80
N THR B 125 -7.68 -41.21 9.57
CA THR B 125 -8.30 -41.18 8.26
C THR B 125 -9.79 -41.44 8.39
N PHE B 126 -10.60 -40.62 7.72
CA PHE B 126 -12.04 -40.68 7.82
C PHE B 126 -12.65 -40.50 6.43
N GLN B 127 -13.61 -41.35 6.08
CA GLN B 127 -14.39 -41.18 4.85
C GLN B 127 -15.70 -40.53 5.28
N THR B 128 -15.73 -39.20 5.31
CA THR B 128 -16.82 -38.51 5.98
C THR B 128 -17.73 -37.74 5.04
N HIS B 129 -17.35 -37.52 3.78
CA HIS B 129 -18.19 -36.76 2.86
C HIS B 129 -18.47 -37.57 1.61
N ALA B 130 -19.61 -37.27 0.99
CA ALA B 130 -19.96 -37.81 -0.31
C ALA B 130 -19.53 -36.77 -1.35
N GLY B 131 -18.52 -37.10 -2.15
CA GLY B 131 -17.95 -36.13 -3.04
C GLY B 131 -16.93 -35.26 -2.32
N PRO B 132 -16.48 -34.21 -2.97
CA PRO B 132 -15.29 -33.49 -2.50
C PRO B 132 -15.45 -32.85 -1.13
N VAL B 133 -14.38 -32.92 -0.33
CA VAL B 133 -14.19 -32.01 0.78
C VAL B 133 -13.81 -30.66 0.22
N THR B 134 -14.60 -29.64 0.53
CA THR B 134 -14.34 -28.33 -0.06
C THR B 134 -13.63 -27.38 0.90
N GLY B 135 -13.55 -27.72 2.18
CA GLY B 135 -12.89 -26.84 3.13
C GLY B 135 -12.61 -27.49 4.45
N LEU B 136 -11.59 -26.98 5.13
CA LEU B 136 -11.21 -27.40 6.48
C LEU B 136 -11.01 -26.16 7.35
N ALA B 137 -11.29 -26.30 8.63
CA ALA B 137 -11.02 -25.22 9.57
C ALA B 137 -10.67 -25.80 10.92
N VAL B 138 -9.72 -25.17 11.60
CA VAL B 138 -9.27 -25.60 12.92
C VAL B 138 -9.82 -24.62 13.95
N HIS B 139 -10.46 -25.16 14.97
CA HIS B 139 -11.04 -24.34 16.01
C HIS B 139 -9.91 -23.79 16.89
N PRO B 140 -10.03 -22.56 17.38
CA PRO B 140 -8.91 -21.94 18.10
C PRO B 140 -8.57 -22.60 19.43
N GLY B 141 -9.43 -23.46 19.98
CA GLY B 141 -9.06 -24.22 21.16
C GLY B 141 -8.10 -25.35 20.90
N GLY B 142 -7.82 -25.65 19.63
CA GLY B 142 -6.84 -26.64 19.25
C GLY B 142 -7.31 -28.07 19.30
N ARG B 143 -8.56 -28.32 19.65
CA ARG B 143 -9.08 -29.68 19.67
C ARG B 143 -9.97 -29.99 18.47
N ILE B 144 -10.87 -29.09 18.13
CA ILE B 144 -11.91 -29.39 17.16
C ILE B 144 -11.43 -29.03 15.76
N LEU B 145 -11.64 -29.94 14.83
CA LEU B 145 -11.41 -29.73 13.40
C LEU B 145 -12.77 -29.78 12.72
N ALA B 146 -12.97 -28.95 11.70
CA ALA B 146 -14.20 -28.98 10.92
C ALA B 146 -13.89 -29.25 9.45
N SER B 147 -14.76 -30.02 8.80
CA SER B 147 -14.70 -30.20 7.35
C SER B 147 -16.08 -29.89 6.77
N VAL B 148 -16.09 -29.32 5.56
CA VAL B 148 -17.34 -29.08 4.85
C VAL B 148 -17.23 -29.68 3.45
N GLY B 149 -18.38 -29.98 2.84
CA GLY B 149 -18.40 -30.64 1.56
C GLY B 149 -19.50 -30.14 0.65
N VAL B 150 -19.33 -30.46 -0.64
CA VAL B 150 -20.39 -30.28 -1.62
C VAL B 150 -21.67 -30.99 -1.16
N ASP B 151 -21.53 -32.03 -0.31
CA ASP B 151 -22.72 -32.77 0.13
C ASP B 151 -23.55 -32.00 1.18
N LYS B 152 -23.29 -30.71 1.38
CA LYS B 152 -24.01 -29.80 2.29
C LYS B 152 -23.75 -30.10 3.76
N SER B 153 -22.91 -31.05 4.09
CA SER B 153 -22.68 -31.40 5.48
C SER B 153 -21.44 -30.70 6.01
N PHE B 154 -21.46 -30.41 7.31
CA PHE B 154 -20.26 -30.00 8.01
C PHE B 154 -20.06 -30.93 9.19
N VAL B 155 -18.81 -31.34 9.38
CA VAL B 155 -18.45 -32.39 10.30
C VAL B 155 -17.38 -31.85 11.24
N PHE B 156 -17.53 -32.13 12.53
CA PHE B 156 -16.52 -31.78 13.53
C PHE B 156 -15.81 -33.04 13.97
N TYR B 157 -14.50 -32.92 14.21
CA TYR B 157 -13.68 -34.00 14.69
C TYR B 157 -12.91 -33.51 15.91
N ASP B 158 -12.67 -34.44 16.82
CA ASP B 158 -11.86 -34.18 18.00
C ASP B 158 -10.46 -34.70 17.70
N LEU B 159 -9.53 -33.77 17.50
CA LEU B 159 -8.15 -34.12 17.16
C LEU B 159 -7.46 -34.86 18.30
N GLU B 160 -7.93 -34.67 19.53
CA GLU B 160 -7.32 -35.30 20.69
C GLU B 160 -7.59 -36.81 20.74
N THR B 161 -8.76 -37.23 20.26
CA THR B 161 -9.15 -38.63 20.26
C THR B 161 -9.24 -39.24 18.87
N GLY B 162 -9.09 -38.42 17.82
CA GLY B 162 -9.19 -38.92 16.45
C GLY B 162 -10.57 -39.44 16.11
N GLU B 163 -11.61 -38.80 16.62
CA GLU B 163 -12.99 -39.24 16.43
C GLU B 163 -13.82 -38.15 15.78
N ARG B 164 -14.74 -38.57 14.92
CA ARG B 164 -15.84 -37.70 14.49
C ARG B 164 -16.75 -37.44 15.69
N VAL B 165 -17.10 -36.17 15.92
CA VAL B 165 -17.84 -35.83 17.14
C VAL B 165 -19.12 -35.02 16.88
N ALA B 166 -19.30 -34.49 15.68
CA ALA B 166 -20.56 -33.84 15.35
C ALA B 166 -20.74 -33.80 13.84
N ARG B 167 -22.00 -33.68 13.42
CA ARG B 167 -22.32 -33.50 12.01
C ARG B 167 -23.59 -32.69 11.88
N GLY B 168 -23.56 -31.68 11.00
CA GLY B 168 -24.73 -30.91 10.68
C GLY B 168 -24.90 -30.81 9.17
N TYR B 169 -26.07 -30.31 8.77
CA TYR B 169 -26.40 -30.18 7.35
C TYR B 169 -26.88 -28.77 7.08
N ALA B 170 -26.25 -28.11 6.11
CA ALA B 170 -26.68 -26.81 5.64
C ALA B 170 -27.73 -26.99 4.55
N ASP B 171 -28.40 -25.88 4.21
CA ASP B 171 -29.42 -25.93 3.18
C ASP B 171 -28.85 -25.82 1.77
N ALA B 172 -27.52 -25.82 1.62
CA ALA B 172 -26.91 -25.70 0.30
C ALA B 172 -25.52 -26.32 0.34
N ALA B 173 -25.02 -26.68 -0.85
CA ALA B 173 -23.65 -27.19 -0.96
C ALA B 173 -22.67 -26.15 -0.41
N LEU B 174 -21.65 -26.63 0.30
CA LEU B 174 -20.72 -25.76 1.00
C LEU B 174 -19.39 -25.68 0.25
N THR B 175 -18.81 -24.47 0.22
CA THR B 175 -17.60 -24.20 -0.58
C THR B 175 -16.36 -23.87 0.25
N THR B 176 -16.53 -23.42 1.50
CA THR B 176 -15.49 -22.82 2.33
C THR B 176 -15.97 -22.85 3.77
N CYS B 177 -15.03 -22.77 4.70
CA CYS B 177 -15.46 -22.61 6.09
C CYS B 177 -14.35 -21.95 6.89
N ALA B 178 -14.74 -21.47 8.08
CA ALA B 178 -13.81 -20.83 9.01
C ALA B 178 -14.48 -20.72 10.37
N PHE B 179 -13.67 -20.81 11.43
CA PHE B 179 -14.16 -20.51 12.77
C PHE B 179 -13.92 -19.03 13.11
N HIS B 180 -14.89 -18.45 13.82
CA HIS B 180 -14.68 -17.15 14.44
C HIS B 180 -13.48 -17.23 15.39
N PRO B 181 -12.74 -16.13 15.55
CA PRO B 181 -11.54 -16.16 16.41
C PRO B 181 -11.79 -16.59 17.85
N ASP B 182 -12.99 -16.39 18.40
CA ASP B 182 -13.27 -16.91 19.74
C ASP B 182 -13.80 -18.33 19.71
N GLY B 183 -14.17 -18.84 18.53
CA GLY B 183 -14.51 -20.24 18.38
C GLY B 183 -15.99 -20.57 18.53
N ASN B 184 -16.81 -19.62 18.97
CA ASN B 184 -18.20 -19.95 19.28
C ASN B 184 -19.08 -19.93 18.04
N LEU B 185 -18.57 -19.41 16.92
CA LEU B 185 -19.30 -19.34 15.67
C LEU B 185 -18.49 -20.05 14.60
N PHE B 186 -19.21 -20.71 13.70
CA PHE B 186 -18.62 -21.47 12.61
C PHE B 186 -19.30 -21.02 11.34
N ALA B 187 -18.53 -20.53 10.38
CA ALA B 187 -19.07 -19.96 9.15
C ALA B 187 -18.78 -20.88 7.98
N ALA B 188 -19.75 -21.03 7.10
CA ALA B 188 -19.54 -21.81 5.88
C ALA B 188 -20.17 -21.08 4.71
N GLY B 189 -19.39 -20.87 3.66
CA GLY B 189 -19.93 -20.29 2.45
C GLY B 189 -20.66 -21.33 1.62
N THR B 190 -21.63 -20.86 0.83
CA THR B 190 -22.45 -21.77 0.02
C THR B 190 -22.29 -21.50 -1.47
N GLN B 191 -22.58 -22.54 -2.25
CA GLN B 191 -22.62 -22.41 -3.70
C GLN B 191 -23.69 -21.44 -4.15
N THR B 192 -24.75 -21.28 -3.35
CA THR B 192 -25.84 -20.38 -3.68
C THR B 192 -25.57 -18.94 -3.30
N GLY B 193 -24.38 -18.62 -2.79
CA GLY B 193 -24.00 -17.25 -2.58
C GLY B 193 -24.27 -16.66 -1.22
N HIS B 194 -24.29 -17.49 -0.16
CA HIS B 194 -24.53 -17.03 1.19
C HIS B 194 -23.38 -17.45 2.09
N ILE B 195 -23.15 -16.67 3.14
CA ILE B 195 -22.27 -17.09 4.23
C ILE B 195 -23.18 -17.45 5.39
N LEU B 196 -23.21 -18.75 5.72
CA LEU B 196 -24.01 -19.24 6.83
C LEU B 196 -23.15 -19.23 8.08
N VAL B 197 -23.73 -18.82 9.20
CA VAL B 197 -23.00 -18.77 10.46
C VAL B 197 -23.76 -19.62 11.46
N PHE B 198 -23.06 -20.60 12.04
CA PHE B 198 -23.64 -21.55 12.97
C PHE B 198 -23.04 -21.36 14.35
N HIS B 199 -23.84 -21.66 15.38
CA HIS B 199 -23.30 -21.80 16.72
C HIS B 199 -22.52 -23.10 16.79
N THR B 200 -21.26 -23.01 17.21
CA THR B 200 -20.39 -24.19 17.27
C THR B 200 -20.97 -25.27 18.17
N THR B 201 -21.50 -24.89 19.34
CA THR B 201 -21.90 -25.92 20.29
C THR B 201 -23.14 -26.68 19.84
N THR B 202 -24.09 -26.00 19.19
CA THR B 202 -25.36 -26.62 18.84
C THR B 202 -25.47 -26.99 17.37
N LEU B 203 -24.58 -26.47 16.52
CA LEU B 203 -24.61 -26.64 15.07
C LEU B 203 -25.87 -26.04 14.45
N GLU B 204 -26.60 -25.20 15.17
CA GLU B 204 -27.77 -24.57 14.58
C GLU B 204 -27.40 -23.24 13.94
N GLN B 205 -28.07 -22.92 12.85
CA GLN B 205 -27.78 -21.69 12.12
C GLN B 205 -28.12 -20.49 12.98
N ALA B 206 -27.17 -19.56 13.09
CA ALA B 206 -27.40 -18.32 13.81
C ALA B 206 -27.86 -17.20 12.88
N GLU B 207 -27.28 -17.11 11.69
CA GLU B 207 -27.60 -16.04 10.77
C GLU B 207 -27.06 -16.41 9.39
N SER B 208 -27.54 -15.69 8.39
CA SER B 208 -27.06 -15.83 7.02
C SER B 208 -26.73 -14.46 6.47
N PHE B 209 -25.65 -14.37 5.70
CA PHE B 209 -25.25 -13.12 5.09
C PHE B 209 -25.25 -13.26 3.58
N PRO B 210 -25.83 -12.33 2.83
CA PRO B 210 -25.92 -12.46 1.37
C PRO B 210 -24.72 -11.86 0.65
N LEU B 211 -24.30 -12.56 -0.41
CA LEU B 211 -23.26 -12.03 -1.29
C LEU B 211 -23.70 -12.13 -2.75
N GLY B 212 -24.20 -13.28 -3.16
CA GLY B 212 -24.87 -13.41 -4.44
C GLY B 212 -24.14 -14.20 -5.50
N THR B 213 -22.91 -14.62 -5.25
CA THR B 213 -22.16 -15.50 -6.12
C THR B 213 -21.54 -16.59 -5.26
N PRO B 214 -21.18 -17.72 -5.85
CA PRO B 214 -20.63 -18.83 -5.05
C PRO B 214 -19.46 -18.38 -4.19
N ILE B 215 -19.54 -18.66 -2.88
CA ILE B 215 -18.51 -18.14 -1.99
C ILE B 215 -17.18 -18.83 -2.31
N GLN B 216 -16.16 -18.03 -2.63
CA GLN B 216 -14.85 -18.57 -2.99
C GLN B 216 -13.86 -18.53 -1.83
N ALA B 217 -13.87 -17.47 -1.03
CA ALA B 217 -12.95 -17.39 0.08
C ALA B 217 -13.63 -16.62 1.21
N LEU B 218 -13.17 -16.89 2.42
CA LEU B 218 -13.81 -16.41 3.64
C LEU B 218 -12.75 -16.29 4.72
N ALA B 219 -12.73 -15.17 5.46
CA ALA B 219 -11.78 -15.03 6.56
C ALA B 219 -12.32 -14.05 7.58
N PHE B 220 -12.24 -14.42 8.86
CA PHE B 220 -12.60 -13.52 9.95
C PHE B 220 -11.46 -12.56 10.25
N SER B 221 -11.81 -11.38 10.75
CA SER B 221 -10.83 -10.47 11.34
C SER B 221 -10.62 -10.80 12.81
N GLU B 222 -9.39 -10.64 13.28
CA GLU B 222 -9.15 -10.76 14.72
C GLU B 222 -9.84 -9.68 15.53
N ASN B 223 -10.46 -8.67 14.90
CA ASN B 223 -11.21 -7.71 15.70
C ASN B 223 -12.49 -8.31 16.29
N GLY B 224 -12.93 -9.47 15.78
CA GLY B 224 -14.05 -10.17 16.36
C GLY B 224 -15.41 -9.81 15.81
N PHE B 225 -15.54 -8.75 15.01
CA PHE B 225 -16.84 -8.42 14.45
C PHE B 225 -16.86 -8.31 12.93
N TRP B 226 -15.72 -8.37 12.25
CA TRP B 226 -15.68 -8.34 10.80
C TRP B 226 -15.33 -9.73 10.24
N PHE B 227 -15.89 -10.04 9.07
CA PHE B 227 -15.30 -11.08 8.24
C PHE B 227 -15.32 -10.60 6.81
N ALA B 228 -14.44 -11.18 6.01
CA ALA B 228 -14.32 -10.88 4.59
C ALA B 228 -14.78 -12.08 3.77
N ALA B 229 -15.48 -11.82 2.67
CA ALA B 229 -15.91 -12.89 1.76
C ALA B 229 -15.87 -12.39 0.33
N THR B 230 -15.64 -13.32 -0.58
CA THR B 230 -15.63 -12.99 -1.99
C THR B 230 -16.30 -14.12 -2.77
N GLY B 231 -16.93 -13.75 -3.88
CA GLY B 231 -17.65 -14.70 -4.71
C GLY B 231 -16.90 -15.06 -5.98
N LYS B 232 -17.13 -16.28 -6.45
CA LYS B 232 -16.51 -16.74 -7.68
C LYS B 232 -16.91 -15.85 -8.84
N GLY B 233 -15.94 -15.54 -9.71
CA GLY B 233 -16.21 -14.72 -10.88
C GLY B 233 -16.36 -13.24 -10.62
N THR B 234 -16.03 -12.77 -9.42
CA THR B 234 -16.12 -11.35 -9.07
C THR B 234 -14.72 -10.78 -8.91
N SER B 235 -14.65 -9.44 -8.80
CA SER B 235 -13.36 -8.77 -8.67
C SER B 235 -13.33 -7.88 -7.43
N SER B 236 -14.02 -8.28 -6.37
CA SER B 236 -14.03 -7.49 -5.15
C SER B 236 -14.16 -8.41 -3.95
N VAL B 237 -13.87 -7.85 -2.79
CA VAL B 237 -14.06 -8.50 -1.49
C VAL B 237 -15.00 -7.62 -0.67
N THR B 238 -15.94 -8.25 0.02
CA THR B 238 -16.90 -7.53 0.86
C THR B 238 -16.56 -7.79 2.32
N ILE B 239 -16.55 -6.72 3.11
CA ILE B 239 -16.39 -6.81 4.55
C ILE B 239 -17.77 -6.79 5.18
N PHE B 240 -18.06 -7.80 6.01
CA PHE B 240 -19.34 -7.92 6.69
C PHE B 240 -19.15 -7.64 8.17
N ASP B 241 -20.11 -6.92 8.76
CA ASP B 241 -20.13 -6.67 10.19
C ASP B 241 -21.10 -7.68 10.81
N LEU B 242 -20.56 -8.60 11.62
CA LEU B 242 -21.39 -9.60 12.29
C LEU B 242 -22.42 -8.99 13.22
N ARG B 243 -22.23 -7.73 13.63
CA ARG B 243 -23.18 -7.10 14.53
C ARG B 243 -24.42 -6.55 13.81
N LYS B 244 -24.45 -6.59 12.49
CA LYS B 244 -25.58 -6.16 11.69
C LYS B 244 -26.22 -7.39 11.03
N SER B 245 -27.28 -7.16 10.28
CA SER B 245 -28.00 -8.28 9.67
C SER B 245 -28.32 -7.99 8.22
N GLY B 246 -28.45 -9.06 7.44
CA GLY B 246 -28.94 -8.99 6.08
C GLY B 246 -28.00 -8.21 5.16
N ALA B 247 -28.61 -7.54 4.18
CA ALA B 247 -27.80 -6.79 3.22
C ALA B 247 -27.06 -5.63 3.88
N ALA B 248 -27.62 -5.08 4.96
CA ALA B 248 -26.98 -3.97 5.64
C ALA B 248 -25.68 -4.35 6.31
N ALA B 249 -25.40 -5.65 6.45
CA ALA B 249 -24.17 -6.06 7.10
C ALA B 249 -22.94 -5.88 6.20
N ALA B 250 -23.14 -5.70 4.89
CA ALA B 250 -22.03 -5.44 3.96
C ALA B 250 -21.62 -3.98 4.13
N VAL B 251 -20.51 -3.75 4.83
CA VAL B 251 -20.14 -2.38 5.21
C VAL B 251 -19.01 -1.82 4.37
N LYS B 252 -18.33 -2.62 3.56
CA LYS B 252 -17.25 -2.13 2.73
C LYS B 252 -17.02 -3.09 1.58
N GLU B 253 -16.89 -2.56 0.37
CA GLU B 253 -16.48 -3.35 -0.78
C GLU B 253 -15.10 -2.87 -1.23
N LEU B 254 -14.18 -3.81 -1.39
CA LEU B 254 -12.80 -3.50 -1.75
C LEU B 254 -12.54 -4.00 -3.16
N GLN B 255 -12.07 -3.11 -4.03
CA GLN B 255 -11.76 -3.50 -5.40
C GLN B 255 -10.40 -4.18 -5.43
N THR B 256 -10.39 -5.48 -5.68
CA THR B 256 -9.22 -6.32 -5.52
C THR B 256 -8.79 -7.05 -6.79
N GLY B 257 -9.65 -7.14 -7.80
CA GLY B 257 -9.49 -8.15 -8.83
C GLY B 257 -9.98 -9.48 -8.27
N GLU B 258 -9.80 -10.54 -9.05
CA GLU B 258 -10.27 -11.85 -8.61
C GLU B 258 -9.54 -12.29 -7.35
N VAL B 259 -10.28 -12.83 -6.40
CA VAL B 259 -9.70 -13.31 -5.15
C VAL B 259 -10.08 -14.78 -4.99
N LEU B 260 -9.07 -15.64 -5.02
CA LEU B 260 -9.25 -17.05 -4.74
C LEU B 260 -8.90 -17.43 -3.31
N SER B 261 -8.17 -16.56 -2.62
CA SER B 261 -7.61 -16.85 -1.31
C SER B 261 -7.43 -15.53 -0.56
N ILE B 262 -7.79 -15.55 0.73
CA ILE B 262 -7.66 -14.39 1.62
C ILE B 262 -6.87 -14.82 2.85
N SER B 263 -5.96 -13.97 3.28
CA SER B 263 -5.28 -14.14 4.56
C SER B 263 -5.33 -12.79 5.28
N TRP B 264 -6.01 -12.75 6.42
CA TRP B 264 -6.08 -11.54 7.24
C TRP B 264 -5.11 -11.70 8.41
N ASP B 265 -4.21 -10.72 8.60
CA ASP B 265 -3.15 -10.96 9.55
C ASP B 265 -3.66 -10.85 10.99
N TYR B 266 -2.80 -11.27 11.93
CA TYR B 266 -3.18 -11.34 13.34
C TYR B 266 -3.65 -10.00 13.90
N THR B 267 -3.10 -8.87 13.43
CA THR B 267 -3.49 -7.58 13.98
C THR B 267 -4.80 -7.05 13.41
N GLY B 268 -5.31 -7.66 12.35
CA GLY B 268 -6.47 -7.14 11.66
C GLY B 268 -6.18 -6.01 10.69
N GLN B 269 -4.91 -5.60 10.56
CA GLN B 269 -4.59 -4.46 9.70
C GLN B 269 -4.44 -4.83 8.25
N TYR B 270 -3.99 -6.05 7.96
CA TYR B 270 -3.51 -6.38 6.61
C TYR B 270 -4.31 -7.55 6.05
N LEU B 271 -5.11 -7.27 5.03
CA LEU B 271 -5.96 -8.26 4.39
C LEU B 271 -5.30 -8.56 3.06
N ALA B 272 -4.60 -9.70 2.99
CA ALA B 272 -3.96 -10.12 1.75
C ALA B 272 -4.92 -10.95 0.90
N THR B 273 -4.81 -10.79 -0.43
CA THR B 273 -5.64 -11.53 -1.36
C THR B 273 -4.76 -12.07 -2.48
N GLY B 274 -5.20 -13.16 -3.09
CA GLY B 274 -4.50 -13.66 -4.25
C GLY B 274 -5.49 -14.25 -5.24
N GLY B 275 -5.26 -14.04 -6.52
CA GLY B 275 -6.12 -14.64 -7.53
C GLY B 275 -5.46 -14.64 -8.89
N GLY B 276 -6.30 -14.82 -9.92
CA GLY B 276 -5.83 -15.03 -11.28
C GLY B 276 -5.10 -13.85 -11.89
N THR B 277 -5.28 -12.65 -11.35
CA THR B 277 -4.52 -11.52 -11.86
C THR B 277 -3.38 -11.09 -10.95
N GLY B 278 -3.38 -11.50 -9.68
CA GLY B 278 -2.22 -11.29 -8.84
C GLY B 278 -2.58 -11.20 -7.37
N VAL B 279 -1.70 -10.53 -6.64
CA VAL B 279 -1.73 -10.43 -5.17
C VAL B 279 -2.04 -8.98 -4.80
N THR B 280 -2.88 -8.79 -3.77
CA THR B 280 -3.04 -7.45 -3.20
C THR B 280 -2.93 -7.53 -1.69
N VAL B 281 -2.63 -6.41 -1.08
CA VAL B 281 -2.84 -6.23 0.36
C VAL B 281 -3.70 -4.99 0.52
N GLN B 282 -4.84 -5.17 1.17
CA GLN B 282 -5.71 -4.08 1.59
C GLN B 282 -5.43 -3.81 3.05
N MET B 283 -5.16 -2.55 3.39
CA MET B 283 -4.85 -2.22 4.77
C MET B 283 -5.95 -1.38 5.39
N TYR B 284 -6.39 -1.78 6.57
CA TYR B 284 -7.32 -0.99 7.35
C TYR B 284 -6.53 -0.32 8.47
N THR B 285 -6.54 1.01 8.46
CA THR B 285 -5.91 1.82 9.49
C THR B 285 -6.98 2.28 10.47
N LYS B 286 -6.93 1.71 11.68
CA LYS B 286 -7.98 1.96 12.66
C LYS B 286 -8.06 3.42 13.06
N ALA B 287 -6.89 4.08 13.23
CA ALA B 287 -6.91 5.43 13.78
C ALA B 287 -7.58 6.44 12.85
N THR B 288 -7.52 6.20 11.55
CA THR B 288 -8.17 7.05 10.57
C THR B 288 -9.42 6.40 9.96
N LYS B 289 -9.77 5.19 10.40
CA LYS B 289 -10.88 4.43 9.83
C LYS B 289 -10.81 4.36 8.31
N SER B 290 -9.60 4.13 7.79
CA SER B 290 -9.35 4.25 6.36
C SER B 290 -8.82 2.95 5.78
N TRP B 291 -9.37 2.58 4.62
CA TRP B 291 -8.85 1.47 3.82
C TRP B 291 -7.91 2.00 2.74
N SER B 292 -6.79 1.31 2.55
CA SER B 292 -5.84 1.66 1.49
C SER B 292 -5.34 0.37 0.84
N GLU B 293 -4.58 0.51 -0.25
CA GLU B 293 -4.09 -0.66 -0.98
C GLU B 293 -2.57 -0.56 -1.18
N PRO B 294 -1.79 -0.88 -0.13
CA PRO B 294 -0.33 -0.69 -0.24
C PRO B 294 0.34 -1.64 -1.21
N VAL B 295 -0.21 -2.82 -1.47
CA VAL B 295 0.44 -3.83 -2.30
C VAL B 295 -0.47 -4.21 -3.46
N ARG B 296 0.08 -4.23 -4.66
CA ARG B 296 -0.61 -4.84 -5.80
C ARG B 296 0.46 -5.39 -6.74
N LEU B 297 0.52 -6.71 -6.85
CA LEU B 297 1.53 -7.39 -7.67
C LEU B 297 0.83 -8.27 -8.69
N GLY B 298 1.35 -8.30 -9.92
CA GLY B 298 0.65 -9.00 -10.99
C GLY B 298 0.84 -10.51 -11.12
N MET B 299 1.35 -11.19 -10.10
CA MET B 299 1.64 -12.62 -10.23
C MET B 299 0.41 -13.45 -9.90
N PRO B 300 -0.13 -14.22 -10.86
CA PRO B 300 -1.31 -15.04 -10.54
C PRO B 300 -1.01 -16.10 -9.50
N VAL B 301 -1.92 -16.26 -8.53
CA VAL B 301 -1.76 -17.24 -7.47
C VAL B 301 -3.12 -17.83 -7.12
N VAL B 302 -3.09 -18.95 -6.40
CA VAL B 302 -4.30 -19.61 -5.92
C VAL B 302 -4.38 -19.66 -4.40
N GLY B 303 -3.32 -19.28 -3.69
CA GLY B 303 -3.28 -19.29 -2.24
C GLY B 303 -2.32 -18.26 -1.69
N VAL B 304 -2.70 -17.60 -0.60
CA VAL B 304 -1.84 -16.65 0.10
C VAL B 304 -1.98 -16.87 1.59
N LYS B 305 -0.88 -16.67 2.32
CA LYS B 305 -0.85 -16.80 3.78
C LYS B 305 0.22 -15.90 4.38
N TRP B 306 -0.14 -15.16 5.43
CA TRP B 306 0.84 -14.37 6.15
C TRP B 306 1.84 -15.23 6.90
N GLY B 307 3.12 -14.90 6.77
CA GLY B 307 4.15 -15.45 7.62
C GLY B 307 4.30 -14.68 8.91
N GLY B 308 5.39 -14.97 9.61
CA GLY B 308 5.54 -14.45 10.96
C GLY B 308 5.57 -12.93 10.98
N GLU B 309 4.83 -12.36 11.93
CA GLU B 309 4.76 -10.92 12.14
C GLU B 309 4.28 -10.15 10.91
N ALA B 310 3.66 -10.84 9.94
CA ALA B 310 3.22 -10.27 8.66
C ALA B 310 4.38 -9.62 7.92
N LYS B 311 5.59 -10.08 8.22
CA LYS B 311 6.79 -9.60 7.56
C LYS B 311 7.10 -10.35 6.28
N ARG B 312 6.43 -11.47 6.06
CA ARG B 312 6.49 -12.25 4.83
C ARG B 312 5.08 -12.61 4.44
N LEU B 313 4.83 -12.70 3.13
CA LEU B 313 3.57 -13.24 2.61
C LEU B 313 3.93 -14.40 1.69
N VAL B 314 3.42 -15.58 1.98
CA VAL B 314 3.76 -16.76 1.20
C VAL B 314 2.62 -17.03 0.23
N VAL B 315 2.94 -17.25 -1.05
CA VAL B 315 1.90 -17.42 -2.06
C VAL B 315 2.27 -18.59 -2.97
N VAL B 316 1.26 -19.20 -3.59
CA VAL B 316 1.53 -20.31 -4.50
C VAL B 316 0.65 -20.18 -5.73
N SER B 317 1.23 -20.45 -6.91
CA SER B 317 0.49 -20.43 -8.16
C SER B 317 -0.17 -21.78 -8.42
N ARG B 318 -1.13 -21.79 -9.36
CA ARG B 318 -1.79 -23.04 -9.73
C ARG B 318 -0.80 -24.06 -10.25
N GLU B 319 0.24 -23.61 -10.92
CA GLU B 319 1.27 -24.49 -11.45
C GLU B 319 2.23 -24.99 -10.39
N GLY B 320 2.05 -24.58 -9.14
CA GLY B 320 2.87 -25.08 -8.06
C GLY B 320 4.15 -24.30 -7.80
N VAL B 321 4.24 -23.05 -8.22
CA VAL B 321 5.39 -22.22 -7.88
C VAL B 321 5.06 -21.47 -6.60
N VAL B 322 5.84 -21.73 -5.55
CA VAL B 322 5.65 -21.04 -4.27
C VAL B 322 6.62 -19.87 -4.24
N SER B 323 6.11 -18.69 -3.89
CA SER B 323 6.93 -17.50 -3.77
C SER B 323 6.84 -16.96 -2.35
N VAL B 324 7.95 -16.42 -1.86
CA VAL B 324 7.96 -15.71 -0.60
C VAL B 324 8.07 -14.23 -0.92
N LEU B 325 7.09 -13.45 -0.47
CA LEU B 325 7.16 -12.00 -0.58
C LEU B 325 7.64 -11.46 0.76
N GLY B 326 8.66 -10.61 0.72
CA GLY B 326 9.26 -10.14 1.94
C GLY B 326 10.06 -8.88 1.71
N LYS B 327 10.92 -8.59 2.70
CA LYS B 327 11.74 -7.38 2.73
C LYS B 327 13.00 -7.69 1.98
N LYS B 328 13.32 -6.92 0.94
CA LYS B 328 14.54 -7.15 0.18
C LYS B 328 15.76 -7.01 1.08
N GLU B 329 16.58 -8.05 1.13
CA GLU B 329 17.79 -8.05 1.94
C GLU B 329 18.87 -7.16 1.32
#